data_1EA9
#
_entry.id   1EA9
#
_cell.length_a   334.608
_cell.length_b   334.608
_cell.length_c   334.608
_cell.angle_alpha   90.00
_cell.angle_beta   90.00
_cell.angle_gamma   90.00
#
_symmetry.space_group_name_H-M   'F 2 3'
#
_entity_poly.entity_id   1
_entity_poly.type   'polypeptide(L)'
_entity_poly.pdbx_seq_one_letter_code
;MFLEAVYHRPRKNFSYAYNGTTVHLRIRTKKDDMTAVYALAGDKYMWDHTMEYVPMTKLATDELFDYWECEVTPPYRRVK
YGFLLQQGHEKRWMTEYDFLTEPPANPDRLFEYPFINPVDVFQPPAWVKDAIFYQIFPERFANGDTRNDPEGTLPWGSAD
PTPSCFFGGDLQGVIDHLDHLSKLGVNAVYFTPLFKATTNHKYDTEDYFQIDPQFGDKDTLKKLVDLCHERGIRVLLDAV
FNHSGRTFPPFVDVLKNGEKSKYKDWFHIRSLPLEVVDGIPTYDTFAFEPLMPKLNTEHPDVKEYLLKAAEYWIRETGID
GWRLDVANEVSHQFWREFRRVVKQANPDAYILGEVWHESSIWLEGDQFDAVMNYPFTNAVLDFFIHQIADAEKFSFMLGK
QLAGYPRQASEVMFNLLDSHDTARLLTQADGDKRKMKLAVLFQFTYFGTPCIYYGDEVGLDGGHDPGCRKCMEWDETKHD
KDLFAFYQTVIRLRQAHAALRTGTFKFLTAEKNSRQIAYLREDDQDTILVVMNNDKAGHTLTLPVRHAQWTHLWQDDVLT
AAHGQLTVKLPAYGFAVLKASSD
;
_entity_poly.pdbx_strand_id   C,D
#
# COMPACT_ATOMS: atom_id res chain seq x y z
N MET A 1 -16.54 -54.48 28.29
CA MET A 1 -16.96 -53.71 27.09
C MET A 1 -15.79 -52.87 26.60
N PHE A 2 -14.66 -53.52 26.31
CA PHE A 2 -13.44 -52.86 25.83
C PHE A 2 -13.50 -51.34 26.03
N LEU A 3 -13.56 -50.98 27.30
CA LEU A 3 -13.65 -49.61 27.81
C LEU A 3 -12.58 -48.61 27.38
N GLU A 4 -11.33 -49.06 27.38
CA GLU A 4 -10.18 -48.22 27.03
C GLU A 4 -10.07 -47.90 25.55
N ALA A 5 -11.16 -48.06 24.81
CA ALA A 5 -11.14 -47.80 23.37
C ALA A 5 -11.88 -46.52 23.00
N VAL A 6 -13.00 -46.28 23.67
CA VAL A 6 -13.84 -45.11 23.41
C VAL A 6 -13.12 -43.80 23.55
N TYR A 7 -13.58 -42.80 22.81
CA TYR A 7 -13.01 -41.47 22.84
C TYR A 7 -14.05 -40.45 22.41
N HIS A 8 -13.95 -39.25 22.99
CA HIS A 8 -14.86 -38.16 22.67
C HIS A 8 -14.22 -36.85 23.10
N ARG A 9 -13.87 -36.01 22.14
CA ARG A 9 -13.26 -34.74 22.50
C ARG A 9 -14.07 -33.58 21.96
N PRO A 10 -14.33 -32.59 22.81
CA PRO A 10 -15.11 -31.43 22.38
C PRO A 10 -14.46 -30.71 21.19
N ARG A 11 -15.31 -30.32 20.24
CA ARG A 11 -14.89 -29.62 19.04
C ARG A 11 -14.35 -30.53 17.96
N LYS A 12 -13.57 -29.98 17.05
CA LYS A 12 -13.03 -30.77 15.94
C LYS A 12 -14.17 -31.49 15.23
N ASN A 13 -14.08 -32.82 15.21
CA ASN A 13 -15.08 -33.66 14.57
C ASN A 13 -15.90 -34.39 15.62
N PHE A 14 -15.44 -34.37 16.86
CA PHE A 14 -16.15 -35.06 17.94
C PHE A 14 -17.20 -34.23 18.66
N SER A 15 -17.58 -33.09 18.07
CA SER A 15 -18.61 -32.22 18.67
C SER A 15 -18.53 -30.87 17.97
N TYR A 16 -19.55 -30.58 17.17
CA TYR A 16 -19.56 -29.33 16.42
C TYR A 16 -20.95 -28.99 15.95
N ALA A 17 -21.17 -27.72 15.64
CA ALA A 17 -22.47 -27.28 15.14
C ALA A 17 -22.46 -27.30 13.62
N TYR A 18 -23.46 -27.94 13.02
CA TYR A 18 -23.57 -28.01 11.57
C TYR A 18 -24.24 -26.72 11.10
N ASN A 19 -25.20 -26.26 11.90
CA ASN A 19 -25.93 -25.03 11.62
C ASN A 19 -26.04 -24.30 12.96
N GLY A 20 -26.93 -23.30 13.02
CA GLY A 20 -27.10 -22.56 14.25
C GLY A 20 -28.26 -23.02 15.09
N THR A 21 -28.35 -24.32 15.35
CA THR A 21 -29.43 -24.87 16.15
C THR A 21 -29.31 -26.39 16.30
N THR A 22 -28.81 -27.03 15.24
CA THR A 22 -28.62 -28.48 15.21
C THR A 22 -27.15 -28.75 15.46
N VAL A 23 -26.84 -29.88 16.08
CA VAL A 23 -25.45 -30.24 16.38
C VAL A 23 -25.21 -31.73 16.19
N HIS A 24 -23.96 -32.08 15.85
CA HIS A 24 -23.61 -33.48 15.64
C HIS A 24 -22.68 -33.98 16.74
N LEU A 25 -22.86 -35.25 17.10
CA LEU A 25 -22.06 -35.87 18.14
C LEU A 25 -21.44 -37.16 17.64
N ARG A 26 -20.11 -37.22 17.67
CA ARG A 26 -19.38 -38.41 17.23
C ARG A 26 -18.80 -39.13 18.44
N ILE A 27 -18.65 -40.43 18.32
CA ILE A 27 -18.10 -41.27 19.39
C ILE A 27 -17.47 -42.51 18.76
N ARG A 28 -16.28 -42.88 19.22
CA ARG A 28 -15.59 -44.04 18.68
C ARG A 28 -15.44 -45.20 19.66
N THR A 29 -15.42 -46.42 19.13
CA THR A 29 -15.27 -47.64 19.93
C THR A 29 -14.73 -48.77 19.04
N LYS A 30 -14.49 -49.94 19.62
CA LYS A 30 -13.98 -51.07 18.87
C LYS A 30 -14.93 -51.58 17.79
N LYS A 31 -14.37 -51.85 16.61
CA LYS A 31 -15.08 -52.35 15.42
C LYS A 31 -16.51 -52.85 15.60
N ASP A 32 -16.71 -53.83 16.48
CA ASP A 32 -18.04 -54.37 16.67
C ASP A 32 -18.34 -54.70 18.12
N ASP A 33 -17.57 -54.09 19.02
CA ASP A 33 -17.74 -54.29 20.45
C ASP A 33 -18.60 -53.15 21.00
N MET A 34 -19.79 -53.02 20.44
CA MET A 34 -20.74 -51.97 20.85
C MET A 34 -22.13 -52.21 20.27
N THR A 35 -23.00 -52.86 21.03
CA THR A 35 -24.35 -53.15 20.56
C THR A 35 -25.00 -51.87 20.04
N ALA A 36 -25.06 -50.86 20.90
CA ALA A 36 -25.64 -49.57 20.53
C ALA A 36 -25.08 -48.49 21.44
N VAL A 37 -25.42 -47.24 21.15
CA VAL A 37 -24.96 -46.12 21.95
C VAL A 37 -25.91 -44.95 21.74
N TYR A 38 -26.55 -44.51 22.82
CA TYR A 38 -27.46 -43.39 22.70
C TYR A 38 -26.80 -42.15 23.24
N ALA A 39 -27.21 -41.00 22.71
CA ALA A 39 -26.67 -39.73 23.16
C ALA A 39 -27.63 -39.15 24.18
N LEU A 40 -27.15 -38.98 25.40
CA LEU A 40 -27.99 -38.44 26.45
C LEU A 40 -27.63 -36.97 26.63
N ALA A 41 -28.49 -36.09 26.11
CA ALA A 41 -28.24 -34.65 26.19
C ALA A 41 -29.45 -33.84 26.63
N GLY A 42 -29.30 -32.52 26.61
CA GLY A 42 -30.36 -31.62 27.01
C GLY A 42 -29.81 -30.27 27.44
N ASP A 43 -30.52 -29.59 28.34
CA ASP A 43 -30.09 -28.29 28.84
C ASP A 43 -29.47 -28.45 30.24
N LYS A 44 -28.36 -27.77 30.49
CA LYS A 44 -27.69 -27.87 31.79
C LYS A 44 -28.45 -27.19 32.93
N TYR A 45 -29.61 -26.62 32.63
CA TYR A 45 -30.40 -25.97 33.68
C TYR A 45 -31.58 -26.85 34.05
N MET A 46 -32.68 -26.76 33.32
CA MET A 46 -33.80 -27.62 33.65
C MET A 46 -33.56 -28.99 33.00
N TRP A 47 -32.64 -29.74 33.62
CA TRP A 47 -32.26 -31.07 33.17
C TRP A 47 -33.47 -31.99 33.07
N ASP A 48 -34.09 -32.24 34.23
CA ASP A 48 -35.25 -33.11 34.30
C ASP A 48 -36.44 -32.49 33.58
N HIS A 49 -36.29 -32.25 32.28
CA HIS A 49 -37.36 -31.64 31.50
C HIS A 49 -36.91 -31.38 30.07
N THR A 50 -35.65 -31.69 29.78
CA THR A 50 -35.10 -31.44 28.46
C THR A 50 -34.22 -32.58 27.95
N MET A 51 -34.13 -33.66 28.71
CA MET A 51 -33.29 -34.80 28.34
C MET A 51 -33.94 -35.74 27.32
N GLU A 52 -33.19 -36.06 26.26
CA GLU A 52 -33.70 -36.98 25.26
C GLU A 52 -32.56 -37.79 24.64
N TYR A 53 -32.58 -39.10 24.90
CA TYR A 53 -31.56 -40.00 24.37
C TYR A 53 -31.61 -39.93 22.85
N VAL A 54 -30.48 -39.63 22.23
CA VAL A 54 -30.44 -39.58 20.78
C VAL A 54 -29.69 -40.81 20.31
N PRO A 55 -30.42 -41.72 19.64
CA PRO A 55 -29.86 -42.96 19.12
C PRO A 55 -28.71 -42.70 18.17
N MET A 56 -27.49 -42.74 18.69
CA MET A 56 -26.33 -42.52 17.83
C MET A 56 -26.30 -43.74 16.92
N THR A 57 -26.03 -43.53 15.64
CA THR A 57 -25.97 -44.63 14.68
C THR A 57 -24.56 -44.78 14.13
N LYS A 58 -24.24 -45.97 13.64
CA LYS A 58 -22.93 -46.23 13.09
C LYS A 58 -22.79 -45.55 11.73
N LEU A 59 -21.86 -44.61 11.62
CA LEU A 59 -21.66 -43.91 10.35
C LEU A 59 -20.44 -44.40 9.60
N ALA A 60 -19.43 -44.87 10.33
CA ALA A 60 -18.21 -45.37 9.72
C ALA A 60 -17.46 -46.33 10.63
N THR A 61 -16.64 -47.19 10.04
CA THR A 61 -15.85 -48.18 10.79
C THR A 61 -14.49 -48.40 10.12
N ASP A 62 -13.44 -47.84 10.70
CA ASP A 62 -12.11 -48.03 10.14
C ASP A 62 -11.62 -49.41 10.55
N GLU A 63 -10.31 -49.61 10.59
CA GLU A 63 -9.78 -50.90 10.98
C GLU A 63 -10.39 -51.34 12.30
N LEU A 64 -9.96 -50.71 13.38
CA LEU A 64 -10.43 -51.05 14.72
C LEU A 64 -11.33 -50.03 15.42
N PHE A 65 -12.27 -49.42 14.71
CA PHE A 65 -13.14 -48.46 15.36
C PHE A 65 -14.53 -48.27 14.80
N ASP A 66 -15.45 -47.96 15.70
CA ASP A 66 -16.84 -47.70 15.39
C ASP A 66 -17.09 -46.25 15.76
N TYR A 67 -17.68 -45.50 14.83
CA TYR A 67 -17.98 -44.09 15.04
C TYR A 67 -19.50 -43.89 15.04
N TRP A 68 -19.99 -42.88 15.74
CA TRP A 68 -21.43 -42.67 15.80
C TRP A 68 -21.99 -41.29 15.53
N GLU A 69 -23.02 -41.26 14.69
CA GLU A 69 -23.73 -40.04 14.31
C GLU A 69 -24.64 -39.68 15.46
N CYS A 70 -25.46 -38.66 15.27
CA CYS A 70 -26.40 -38.20 16.29
C CYS A 70 -26.81 -36.76 15.99
N GLU A 71 -28.04 -36.57 15.53
CA GLU A 71 -28.52 -35.24 15.18
C GLU A 71 -29.27 -34.59 16.35
N VAL A 72 -28.67 -33.57 16.94
CA VAL A 72 -29.29 -32.87 18.06
C VAL A 72 -29.58 -31.38 17.83
N THR A 73 -30.78 -30.97 18.21
CA THR A 73 -31.20 -29.58 18.09
C THR A 73 -31.57 -29.11 19.50
N PRO A 74 -30.57 -28.69 20.29
CA PRO A 74 -30.80 -28.22 21.65
C PRO A 74 -31.96 -27.25 21.72
N PRO A 75 -32.99 -27.59 22.51
CA PRO A 75 -34.19 -26.79 22.70
C PRO A 75 -33.85 -25.32 22.85
N TYR A 76 -32.75 -25.05 23.57
CA TYR A 76 -32.31 -23.69 23.80
C TYR A 76 -30.87 -23.43 23.40
N ARG A 77 -30.58 -23.68 22.12
CA ARG A 77 -29.26 -23.45 21.56
C ARG A 77 -28.10 -23.72 22.53
N ARG A 78 -28.24 -24.76 23.35
CA ARG A 78 -27.20 -25.13 24.31
C ARG A 78 -27.43 -26.56 24.78
N VAL A 79 -26.34 -27.32 24.95
CA VAL A 79 -26.45 -28.72 25.36
C VAL A 79 -25.38 -29.32 26.25
N LYS A 80 -25.81 -30.05 27.27
CA LYS A 80 -24.92 -30.75 28.18
C LYS A 80 -25.33 -32.21 27.99
N TYR A 81 -24.36 -33.10 27.90
CA TYR A 81 -24.69 -34.49 27.63
C TYR A 81 -23.62 -35.50 28.02
N GLY A 82 -23.93 -36.75 27.77
CA GLY A 82 -23.03 -37.86 28.03
C GLY A 82 -23.25 -38.82 26.89
N PHE A 83 -23.09 -40.12 27.13
CA PHE A 83 -23.29 -41.11 26.09
C PHE A 83 -23.78 -42.38 26.75
N LEU A 84 -24.36 -43.30 25.99
CA LEU A 84 -24.84 -44.53 26.60
C LEU A 84 -23.88 -45.71 26.49
N LEU A 85 -23.27 -45.89 25.33
CA LEU A 85 -22.35 -47.00 25.15
C LEU A 85 -22.97 -48.28 25.69
N GLN A 86 -23.80 -48.91 24.87
CA GLN A 86 -24.49 -50.14 25.25
C GLN A 86 -24.04 -51.40 24.50
N GLN A 87 -24.19 -52.54 25.18
CA GLN A 87 -23.82 -53.84 24.62
C GLN A 87 -24.67 -54.91 25.31
N GLY A 88 -25.29 -55.77 24.50
CA GLY A 88 -26.13 -56.80 25.08
C GLY A 88 -27.17 -56.15 25.97
N HIS A 89 -27.07 -56.41 27.27
CA HIS A 89 -27.98 -55.83 28.27
C HIS A 89 -27.10 -55.08 29.25
N GLU A 90 -25.84 -54.96 28.86
CA GLU A 90 -24.81 -54.28 29.65
C GLU A 90 -24.77 -52.80 29.29
N LYS A 91 -24.96 -51.95 30.29
CA LYS A 91 -24.97 -50.50 30.05
C LYS A 91 -24.01 -49.69 30.93
N ARG A 92 -23.32 -48.75 30.28
CA ARG A 92 -22.37 -47.88 30.96
C ARG A 92 -22.27 -46.57 30.18
N TRP A 93 -22.75 -45.48 30.79
CA TRP A 93 -22.79 -44.15 30.20
C TRP A 93 -21.56 -43.26 30.48
N MET A 94 -21.05 -42.61 29.43
CA MET A 94 -19.87 -41.76 29.53
C MET A 94 -20.13 -40.30 29.90
N THR A 95 -19.36 -39.83 30.89
CA THR A 95 -19.46 -38.47 31.39
C THR A 95 -18.17 -37.71 31.08
N GLU A 96 -18.18 -36.41 31.35
CA GLU A 96 -17.01 -35.58 31.13
C GLU A 96 -15.78 -36.24 31.75
N TYR A 97 -16.01 -37.03 32.80
CA TYR A 97 -14.91 -37.68 33.50
C TYR A 97 -14.88 -39.21 33.39
N ASP A 98 -15.60 -39.89 34.27
CA ASP A 98 -15.60 -41.34 34.27
C ASP A 98 -16.78 -42.01 33.54
N PHE A 99 -16.86 -43.34 33.68
CA PHE A 99 -17.92 -44.13 33.05
C PHE A 99 -18.88 -44.62 34.13
N LEU A 100 -19.97 -43.89 34.32
CA LEU A 100 -20.96 -44.24 35.33
C LEU A 100 -21.61 -45.60 35.09
N THR A 101 -22.27 -46.12 36.13
CA THR A 101 -22.95 -47.41 36.07
C THR A 101 -24.44 -47.16 36.25
N GLU A 102 -24.78 -46.04 36.87
CA GLU A 102 -26.16 -45.66 37.12
C GLU A 102 -26.37 -44.31 36.44
N PRO A 103 -27.55 -44.09 35.83
CA PRO A 103 -27.84 -42.83 35.15
C PRO A 103 -27.36 -41.62 35.93
N PRO A 104 -26.53 -40.76 35.29
CA PRO A 104 -26.00 -39.55 35.93
C PRO A 104 -27.10 -38.70 36.54
N ALA A 105 -26.99 -38.46 37.84
CA ALA A 105 -27.98 -37.66 38.57
C ALA A 105 -27.91 -36.18 38.20
N ASN A 106 -26.72 -35.59 38.36
CA ASN A 106 -26.52 -34.17 38.05
C ASN A 106 -25.79 -33.97 36.73
N PRO A 107 -26.37 -33.14 35.84
CA PRO A 107 -25.78 -32.86 34.54
C PRO A 107 -24.43 -32.17 34.67
N ASP A 108 -24.06 -31.83 35.89
CA ASP A 108 -22.82 -31.13 36.18
C ASP A 108 -21.57 -31.77 35.59
N ARG A 109 -21.45 -33.09 35.71
CA ARG A 109 -20.26 -33.77 35.22
C ARG A 109 -20.42 -34.29 33.79
N LEU A 110 -21.36 -33.73 33.05
CA LEU A 110 -21.61 -34.17 31.67
C LEU A 110 -20.98 -33.24 30.64
N PHE A 111 -20.64 -33.80 29.48
CA PHE A 111 -20.04 -33.04 28.38
C PHE A 111 -20.92 -31.84 28.11
N GLU A 112 -20.37 -30.81 27.47
CA GLU A 112 -21.16 -29.63 27.18
C GLU A 112 -20.72 -28.81 25.99
N TYR A 113 -21.72 -28.39 25.21
CA TYR A 113 -21.48 -27.54 24.05
C TYR A 113 -22.05 -26.19 24.46
N PRO A 114 -21.21 -25.33 25.05
CA PRO A 114 -21.56 -23.98 25.51
C PRO A 114 -22.89 -23.45 24.99
N PHE A 115 -22.84 -22.78 23.84
CA PHE A 115 -24.03 -22.22 23.23
C PHE A 115 -23.79 -22.12 21.74
N ILE A 116 -24.83 -22.39 20.95
CA ILE A 116 -24.73 -22.32 19.52
C ILE A 116 -24.64 -20.88 19.06
N ASN A 117 -23.43 -20.43 18.75
CA ASN A 117 -23.21 -19.06 18.30
C ASN A 117 -23.04 -19.09 16.78
N PRO A 118 -24.10 -18.69 16.05
CA PRO A 118 -24.10 -18.69 14.57
C PRO A 118 -22.90 -17.99 13.92
N VAL A 119 -22.00 -17.46 14.74
CA VAL A 119 -20.80 -16.80 14.23
C VAL A 119 -19.67 -17.81 14.17
N ASP A 120 -19.35 -18.38 15.33
CA ASP A 120 -18.29 -19.37 15.43
C ASP A 120 -18.53 -20.49 14.42
N VAL A 121 -19.79 -20.65 14.03
CA VAL A 121 -20.22 -21.67 13.07
C VAL A 121 -19.35 -21.77 11.81
N PHE A 122 -19.13 -23.01 11.37
CA PHE A 122 -18.33 -23.28 10.18
C PHE A 122 -19.25 -23.20 8.96
N GLN A 123 -18.99 -22.24 8.09
CA GLN A 123 -19.81 -22.06 6.89
C GLN A 123 -18.98 -21.97 5.62
N PRO A 124 -18.38 -23.09 5.19
CA PRO A 124 -17.58 -23.04 3.96
C PRO A 124 -18.51 -22.85 2.76
N PRO A 125 -18.10 -22.02 1.79
CA PRO A 125 -18.87 -21.73 0.57
C PRO A 125 -19.53 -22.97 -0.03
N ALA A 126 -20.81 -23.15 0.26
CA ALA A 126 -21.56 -24.29 -0.23
C ALA A 126 -21.54 -24.43 -1.74
N TRP A 127 -21.13 -23.38 -2.44
CA TRP A 127 -21.11 -23.46 -3.90
C TRP A 127 -20.01 -24.36 -4.43
N VAL A 128 -19.14 -24.83 -3.54
CA VAL A 128 -18.06 -25.72 -3.93
C VAL A 128 -18.64 -27.08 -4.31
N LYS A 129 -19.53 -27.60 -3.46
CA LYS A 129 -20.16 -28.88 -3.69
C LYS A 129 -20.65 -28.94 -5.14
N ASP A 130 -21.64 -28.11 -5.46
CA ASP A 130 -22.18 -28.07 -6.82
C ASP A 130 -21.03 -27.92 -7.80
N ALA A 131 -20.01 -27.17 -7.38
CA ALA A 131 -18.84 -26.93 -8.23
C ALA A 131 -17.90 -28.13 -8.33
N ILE A 132 -17.17 -28.17 -9.44
CA ILE A 132 -16.21 -29.23 -9.74
C ILE A 132 -14.96 -28.55 -10.28
N PHE A 133 -13.87 -28.64 -9.52
CA PHE A 133 -12.63 -28.00 -9.91
C PHE A 133 -11.93 -28.48 -11.15
N TYR A 134 -10.70 -27.98 -11.31
CA TYR A 134 -9.83 -28.27 -12.43
C TYR A 134 -8.61 -27.39 -12.23
N GLN A 135 -7.51 -28.01 -11.78
CA GLN A 135 -6.27 -27.31 -11.51
C GLN A 135 -5.50 -26.96 -12.79
N ILE A 136 -4.74 -25.87 -12.74
CA ILE A 136 -3.98 -25.43 -13.89
C ILE A 136 -2.69 -24.68 -13.56
N PHE A 137 -1.58 -25.13 -14.15
CA PHE A 137 -0.29 -24.50 -13.96
C PHE A 137 -0.16 -23.47 -15.06
N PRO A 138 -0.21 -22.19 -14.70
CA PRO A 138 -0.09 -21.13 -15.69
C PRO A 138 1.15 -21.25 -16.58
N GLU A 139 2.30 -21.57 -15.98
CA GLU A 139 3.54 -21.66 -16.73
C GLU A 139 3.48 -22.42 -18.06
N ARG A 140 3.03 -23.67 -18.04
CA ARG A 140 2.96 -24.45 -19.27
C ARG A 140 1.58 -24.99 -19.64
N PHE A 141 0.62 -24.09 -19.85
CA PHE A 141 -0.72 -24.50 -20.22
C PHE A 141 -1.07 -24.03 -21.62
N ALA A 142 -1.15 -22.71 -21.80
CA ALA A 142 -1.47 -22.11 -23.09
C ALA A 142 -0.74 -20.77 -23.20
N ASN A 143 -0.35 -20.41 -24.42
CA ASN A 143 0.37 -19.15 -24.66
C ASN A 143 -0.22 -18.36 -25.81
N GLY A 144 -1.36 -17.72 -25.57
CA GLY A 144 -1.99 -16.93 -26.61
C GLY A 144 -1.28 -15.62 -26.85
N ASP A 145 -0.08 -15.46 -26.27
CA ASP A 145 0.70 -14.25 -26.45
C ASP A 145 2.16 -14.63 -26.67
N THR A 146 2.63 -14.37 -27.89
CA THR A 146 3.99 -14.70 -28.30
C THR A 146 5.10 -14.04 -27.49
N ARG A 147 4.75 -13.02 -26.72
CA ARG A 147 5.75 -12.33 -25.90
C ARG A 147 5.83 -12.93 -24.49
N ASN A 148 6.87 -13.74 -24.27
CA ASN A 148 7.07 -14.40 -22.99
C ASN A 148 8.54 -14.38 -22.59
N ASP A 149 9.33 -15.26 -23.20
CA ASP A 149 10.76 -15.36 -22.91
C ASP A 149 11.58 -15.89 -24.09
N PRO A 150 12.90 -16.11 -23.88
CA PRO A 150 13.74 -16.62 -24.96
C PRO A 150 13.85 -18.15 -25.04
N GLU A 151 13.60 -18.80 -23.91
CA GLU A 151 13.72 -20.26 -23.80
C GLU A 151 12.61 -21.13 -24.39
N GLY A 152 12.95 -22.42 -24.51
CA GLY A 152 12.07 -23.46 -25.03
C GLY A 152 10.69 -23.17 -25.57
N THR A 153 10.37 -23.82 -26.69
CA THR A 153 9.06 -23.67 -27.33
C THR A 153 8.08 -24.63 -26.66
N LEU A 154 6.91 -24.83 -27.27
CA LEU A 154 5.91 -25.72 -26.69
C LEU A 154 6.39 -27.19 -26.58
N PRO A 155 5.49 -28.12 -26.21
CA PRO A 155 5.82 -29.55 -26.06
C PRO A 155 6.95 -30.15 -26.89
N TRP A 156 7.57 -31.19 -26.34
CA TRP A 156 8.68 -31.88 -27.00
C TRP A 156 8.81 -33.33 -26.53
N GLY A 157 8.59 -33.56 -25.23
CA GLY A 157 8.74 -34.90 -24.68
C GLY A 157 7.60 -35.88 -24.91
N SER A 158 7.75 -37.06 -24.31
CA SER A 158 6.76 -38.13 -24.42
C SER A 158 6.75 -38.98 -23.14
N ALA A 159 7.90 -39.57 -22.82
CA ALA A 159 8.05 -40.40 -21.62
C ALA A 159 8.90 -39.66 -20.58
N ASP A 160 9.94 -38.98 -21.05
CA ASP A 160 10.85 -38.18 -20.20
C ASP A 160 10.75 -36.72 -20.65
N PRO A 161 9.58 -36.08 -20.44
CA PRO A 161 9.40 -34.68 -20.85
C PRO A 161 9.41 -33.62 -19.76
N THR A 162 9.58 -32.37 -20.19
CA THR A 162 9.58 -31.20 -19.32
C THR A 162 10.67 -31.07 -18.26
N PRO A 163 11.72 -30.27 -18.55
CA PRO A 163 12.82 -30.05 -17.63
C PRO A 163 12.55 -28.79 -16.81
N SER A 164 13.25 -28.64 -15.69
CA SER A 164 13.06 -27.48 -14.82
C SER A 164 13.64 -26.20 -15.44
N CYS A 165 13.45 -26.02 -16.74
CA CYS A 165 13.97 -24.84 -17.43
C CYS A 165 12.90 -23.78 -17.75
N PHE A 166 12.34 -23.81 -18.96
CA PHE A 166 11.35 -22.80 -19.34
C PHE A 166 10.39 -23.12 -20.49
N PHE A 167 9.32 -22.33 -20.54
CA PHE A 167 8.25 -22.41 -21.56
C PHE A 167 7.46 -21.11 -21.42
N GLY A 168 6.69 -20.74 -22.43
CA GLY A 168 5.97 -19.48 -22.35
C GLY A 168 4.48 -19.46 -22.07
N GLY A 169 4.02 -20.28 -21.13
CA GLY A 169 2.61 -20.30 -20.82
C GLY A 169 2.13 -18.98 -20.26
N ASP A 170 1.02 -18.49 -20.80
CA ASP A 170 0.47 -17.21 -20.37
C ASP A 170 -0.99 -17.33 -19.94
N LEU A 171 -1.55 -16.23 -19.47
CA LEU A 171 -2.95 -16.19 -19.05
C LEU A 171 -3.82 -16.07 -20.28
N GLN A 172 -3.41 -15.22 -21.22
CA GLN A 172 -4.15 -15.02 -22.45
C GLN A 172 -4.52 -16.38 -23.02
N GLY A 173 -3.54 -17.28 -23.02
CA GLY A 173 -3.77 -18.62 -23.53
C GLY A 173 -5.03 -19.21 -22.92
N VAL A 174 -5.10 -19.12 -21.59
CA VAL A 174 -6.26 -19.63 -20.87
C VAL A 174 -7.51 -18.94 -21.40
N ILE A 175 -7.40 -17.64 -21.68
CA ILE A 175 -8.50 -16.86 -22.19
C ILE A 175 -8.92 -17.40 -23.55
N ASP A 176 -7.98 -18.07 -24.22
CA ASP A 176 -8.24 -18.63 -25.55
C ASP A 176 -8.99 -19.96 -25.47
N HIS A 177 -8.30 -20.99 -25.01
CA HIS A 177 -8.88 -22.33 -24.89
C HIS A 177 -9.87 -22.41 -23.74
N LEU A 178 -10.43 -21.26 -23.37
CA LEU A 178 -11.40 -21.24 -22.28
C LEU A 178 -12.65 -21.99 -22.73
N ASP A 179 -13.12 -21.68 -23.94
CA ASP A 179 -14.30 -22.35 -24.48
C ASP A 179 -14.01 -23.83 -24.61
N HIS A 180 -12.75 -24.18 -24.46
CA HIS A 180 -12.32 -25.56 -24.54
C HIS A 180 -12.72 -26.24 -23.24
N LEU A 181 -12.36 -25.62 -22.11
CA LEU A 181 -12.70 -26.16 -20.80
C LEU A 181 -14.22 -26.16 -20.75
N SER A 182 -14.80 -25.13 -21.37
CA SER A 182 -16.24 -24.98 -21.42
C SER A 182 -16.78 -26.26 -22.06
N LYS A 183 -16.01 -26.80 -23.00
CA LYS A 183 -16.39 -28.04 -23.68
C LYS A 183 -16.20 -29.19 -22.70
N LEU A 184 -15.07 -29.16 -22.01
CA LEU A 184 -14.74 -30.19 -21.02
C LEU A 184 -15.86 -30.28 -19.98
N GLY A 185 -16.42 -29.13 -19.62
CA GLY A 185 -17.49 -29.09 -18.63
C GLY A 185 -17.01 -28.88 -17.22
N VAL A 186 -16.35 -27.76 -16.97
CA VAL A 186 -15.83 -27.47 -15.63
C VAL A 186 -16.73 -26.50 -14.84
N ASN A 187 -16.49 -26.42 -13.53
CA ASN A 187 -17.25 -25.56 -12.65
C ASN A 187 -16.33 -24.51 -12.03
N ALA A 188 -15.08 -24.91 -11.79
CA ALA A 188 -14.12 -24.00 -11.19
C ALA A 188 -12.68 -24.29 -11.64
N VAL A 189 -11.77 -23.38 -11.33
CA VAL A 189 -10.39 -23.55 -11.72
C VAL A 189 -9.40 -23.02 -10.69
N TYR A 190 -8.44 -23.85 -10.35
CA TYR A 190 -7.42 -23.48 -9.39
C TYR A 190 -6.17 -23.11 -10.16
N PHE A 191 -5.67 -21.91 -9.91
CA PHE A 191 -4.45 -21.46 -10.58
C PHE A 191 -3.28 -21.52 -9.65
N THR A 192 -2.19 -22.10 -10.13
CA THR A 192 -0.98 -22.18 -9.33
C THR A 192 -0.46 -20.75 -9.23
N PRO A 193 0.64 -20.52 -8.50
CA PRO A 193 1.15 -19.16 -8.40
C PRO A 193 1.33 -18.46 -9.73
N LEU A 194 0.96 -17.18 -9.75
CA LEU A 194 1.06 -16.34 -10.93
C LEU A 194 1.26 -14.89 -10.49
N PHE A 195 2.25 -14.70 -9.61
CA PHE A 195 2.61 -13.39 -9.07
C PHE A 195 4.08 -13.16 -9.38
N LYS A 196 4.41 -11.94 -9.80
CA LYS A 196 5.78 -11.58 -10.17
C LYS A 196 6.86 -12.41 -9.47
N ALA A 197 7.26 -13.49 -10.11
CA ALA A 197 8.28 -14.37 -9.59
C ALA A 197 9.42 -14.40 -10.59
N THR A 198 10.41 -15.26 -10.37
CA THR A 198 11.54 -15.36 -11.28
C THR A 198 11.82 -16.80 -11.69
N THR A 199 10.77 -17.63 -11.69
CA THR A 199 10.92 -19.03 -12.04
C THR A 199 9.64 -19.59 -12.67
N ASN A 200 9.75 -20.75 -13.31
CA ASN A 200 8.59 -21.36 -13.95
C ASN A 200 7.48 -21.56 -12.92
N HIS A 201 7.84 -22.02 -11.74
CA HIS A 201 6.86 -22.18 -10.68
C HIS A 201 6.89 -20.82 -10.00
N LYS A 202 5.75 -20.13 -9.95
CA LYS A 202 5.73 -18.80 -9.37
C LYS A 202 5.75 -18.74 -7.85
N TYR A 203 6.31 -19.76 -7.21
CA TYR A 203 6.38 -19.81 -5.75
C TYR A 203 7.56 -18.99 -5.26
N ASP A 204 8.28 -18.37 -6.20
CA ASP A 204 9.42 -17.53 -5.89
C ASP A 204 8.97 -16.07 -5.98
N THR A 205 7.84 -15.78 -5.32
CA THR A 205 7.24 -14.45 -5.32
C THR A 205 8.15 -13.25 -5.03
N GLU A 206 8.22 -12.35 -6.00
CA GLU A 206 9.02 -11.13 -5.87
C GLU A 206 8.13 -10.03 -5.33
N ASP A 207 6.90 -9.96 -5.84
CA ASP A 207 5.94 -8.96 -5.41
C ASP A 207 4.55 -9.57 -5.29
N TYR A 208 3.97 -9.52 -4.10
CA TYR A 208 2.63 -10.08 -3.88
C TYR A 208 1.56 -9.16 -4.45
N PHE A 209 1.99 -8.12 -5.13
CA PHE A 209 1.07 -7.16 -5.71
C PHE A 209 1.15 -7.00 -7.22
N GLN A 210 1.66 -8.02 -7.92
CA GLN A 210 1.77 -7.93 -9.36
C GLN A 210 1.87 -9.29 -10.06
N ILE A 211 1.34 -9.33 -11.28
CA ILE A 211 1.34 -10.53 -12.12
C ILE A 211 2.65 -10.52 -12.91
N ASP A 212 3.37 -11.63 -12.93
CA ASP A 212 4.63 -11.65 -13.67
C ASP A 212 4.44 -11.01 -15.03
N PRO A 213 5.34 -10.10 -15.41
CA PRO A 213 5.26 -9.41 -16.69
C PRO A 213 5.01 -10.32 -17.89
N GLN A 214 5.67 -11.48 -17.92
CA GLN A 214 5.49 -12.40 -19.03
C GLN A 214 4.03 -12.84 -19.10
N PHE A 215 3.48 -13.23 -17.96
CA PHE A 215 2.09 -13.69 -17.86
C PHE A 215 1.12 -12.63 -18.37
N GLY A 216 1.22 -11.42 -17.81
CA GLY A 216 0.35 -10.34 -18.22
C GLY A 216 0.15 -9.31 -17.12
N ASP A 217 -1.10 -8.92 -16.91
CA ASP A 217 -1.44 -7.93 -15.89
C ASP A 217 -2.79 -8.23 -15.25
N LYS A 218 -3.31 -7.27 -14.49
CA LYS A 218 -4.59 -7.46 -13.83
C LYS A 218 -5.67 -7.71 -14.88
N ASP A 219 -5.82 -6.78 -15.81
CA ASP A 219 -6.83 -6.89 -16.85
C ASP A 219 -6.85 -8.29 -17.45
N THR A 220 -5.75 -8.69 -18.06
CA THR A 220 -5.65 -10.02 -18.65
C THR A 220 -6.31 -11.01 -17.70
N LEU A 221 -5.87 -10.98 -16.44
CA LEU A 221 -6.42 -11.86 -15.42
C LEU A 221 -7.93 -11.62 -15.35
N LYS A 222 -8.31 -10.38 -15.07
CA LYS A 222 -9.71 -10.01 -14.97
C LYS A 222 -10.45 -10.44 -16.24
N LYS A 223 -9.96 -9.99 -17.39
CA LYS A 223 -10.57 -10.34 -18.66
C LYS A 223 -10.70 -11.85 -18.74
N LEU A 224 -9.79 -12.56 -18.05
CA LEU A 224 -9.81 -14.01 -18.04
C LEU A 224 -10.90 -14.45 -17.07
N VAL A 225 -10.95 -13.79 -15.92
CA VAL A 225 -11.93 -14.09 -14.89
C VAL A 225 -13.34 -13.85 -15.44
N ASP A 226 -13.56 -12.64 -15.94
CA ASP A 226 -14.87 -12.24 -16.47
C ASP A 226 -15.56 -13.28 -17.37
N LEU A 227 -14.81 -13.89 -18.28
CA LEU A 227 -15.41 -14.89 -19.16
C LEU A 227 -15.68 -16.16 -18.36
N CYS A 228 -14.88 -16.37 -17.32
CA CYS A 228 -15.06 -17.53 -16.46
C CYS A 228 -16.37 -17.30 -15.71
N HIS A 229 -16.43 -16.20 -14.99
CA HIS A 229 -17.63 -15.86 -14.24
C HIS A 229 -18.80 -15.69 -15.20
N GLU A 230 -18.51 -15.88 -16.48
CA GLU A 230 -19.54 -15.77 -17.52
C GLU A 230 -19.91 -17.19 -17.90
N ARG A 231 -18.90 -18.07 -17.96
CA ARG A 231 -19.11 -19.47 -18.30
C ARG A 231 -19.46 -20.24 -17.03
N GLY A 232 -19.80 -19.50 -15.97
CA GLY A 232 -20.17 -20.12 -14.72
C GLY A 232 -19.06 -20.94 -14.12
N ILE A 233 -17.90 -20.33 -13.95
CA ILE A 233 -16.75 -21.02 -13.38
C ILE A 233 -15.95 -20.13 -12.44
N ARG A 234 -15.86 -20.57 -11.18
CA ARG A 234 -15.14 -19.82 -10.17
C ARG A 234 -13.64 -19.85 -10.50
N VAL A 235 -12.82 -19.18 -9.68
CA VAL A 235 -11.37 -19.15 -9.90
C VAL A 235 -10.58 -19.07 -8.60
N LEU A 236 -9.45 -19.76 -8.56
CA LEU A 236 -8.60 -19.75 -7.36
C LEU A 236 -7.18 -19.33 -7.64
N LEU A 237 -6.58 -18.58 -6.72
CA LEU A 237 -5.20 -18.11 -6.87
C LEU A 237 -4.32 -18.61 -5.74
N ASP A 238 -3.07 -18.93 -6.06
CA ASP A 238 -2.11 -19.44 -5.08
C ASP A 238 -1.61 -18.36 -4.12
N ALA A 239 -1.61 -18.67 -2.82
CA ALA A 239 -1.16 -17.72 -1.81
C ALA A 239 0.16 -18.14 -1.17
N VAL A 240 1.26 -17.62 -1.71
CA VAL A 240 2.59 -17.91 -1.20
C VAL A 240 2.84 -17.08 0.04
N PHE A 241 1.96 -17.19 1.02
CA PHE A 241 2.07 -16.41 2.24
C PHE A 241 3.03 -16.91 3.32
N ASN A 242 3.91 -17.84 2.97
CA ASN A 242 4.85 -18.36 3.93
C ASN A 242 6.28 -17.96 3.63
N HIS A 243 6.67 -18.16 2.38
CA HIS A 243 8.02 -17.83 1.92
C HIS A 243 7.96 -16.89 0.72
N SER A 244 9.00 -16.07 0.56
CA SER A 244 9.07 -15.12 -0.54
C SER A 244 10.35 -15.33 -1.32
N GLY A 245 10.25 -15.30 -2.65
CA GLY A 245 11.42 -15.49 -3.48
C GLY A 245 12.56 -14.56 -3.10
N ARG A 246 13.79 -15.06 -3.19
CA ARG A 246 14.98 -14.27 -2.87
C ARG A 246 14.84 -12.84 -3.38
N THR A 247 14.18 -12.70 -4.54
CA THR A 247 13.97 -11.39 -5.15
C THR A 247 13.28 -10.43 -4.20
N PHE A 248 12.08 -10.80 -3.74
CA PHE A 248 11.28 -10.00 -2.82
C PHE A 248 12.09 -8.90 -2.12
N PRO A 249 11.72 -7.63 -2.37
CA PRO A 249 12.37 -6.43 -1.82
C PRO A 249 12.84 -6.47 -0.36
N PRO A 250 11.92 -6.49 0.61
CA PRO A 250 12.36 -6.53 2.02
C PRO A 250 13.53 -7.48 2.26
N PHE A 251 13.59 -8.56 1.49
CA PHE A 251 14.67 -9.50 1.66
C PHE A 251 15.96 -8.85 1.21
N VAL A 252 15.98 -8.44 -0.06
CA VAL A 252 17.14 -7.77 -0.64
C VAL A 252 17.75 -6.84 0.40
N ASP A 253 16.91 -5.99 0.98
CA ASP A 253 17.34 -5.05 2.00
C ASP A 253 18.20 -5.76 3.03
N VAL A 254 17.64 -6.78 3.66
CA VAL A 254 18.35 -7.53 4.68
C VAL A 254 19.67 -8.10 4.17
N LEU A 255 19.66 -8.56 2.93
CA LEU A 255 20.85 -9.14 2.31
C LEU A 255 21.91 -8.06 2.12
N LYS A 256 21.54 -7.05 1.33
CA LYS A 256 22.40 -5.93 1.01
C LYS A 256 22.43 -4.86 2.09
N ASN A 257 22.19 -5.26 3.34
CA ASN A 257 22.21 -4.35 4.48
C ASN A 257 22.50 -5.12 5.75
N GLY A 258 22.69 -6.43 5.60
CA GLY A 258 22.99 -7.27 6.75
C GLY A 258 22.14 -6.93 7.96
N GLU A 259 22.81 -6.61 9.07
CA GLU A 259 22.13 -6.29 10.32
C GLU A 259 21.27 -5.03 10.30
N LYS A 260 21.90 -3.87 10.13
CA LYS A 260 21.22 -2.58 10.10
C LYS A 260 19.90 -2.56 9.33
N SER A 261 19.72 -3.55 8.44
CA SER A 261 18.51 -3.65 7.63
C SER A 261 17.27 -3.30 8.46
N LYS A 262 16.40 -2.47 7.90
CA LYS A 262 15.18 -2.08 8.60
C LYS A 262 14.15 -3.18 8.55
N TYR A 263 14.39 -4.18 7.70
CA TYR A 263 13.47 -5.29 7.54
C TYR A 263 14.04 -6.57 8.14
N LYS A 264 14.83 -6.36 9.19
CA LYS A 264 15.50 -7.41 9.95
C LYS A 264 14.54 -8.47 10.47
N ASP A 265 13.40 -8.03 11.00
CA ASP A 265 12.41 -8.94 11.56
C ASP A 265 11.31 -9.34 10.59
N TRP A 266 11.31 -8.78 9.39
CA TRP A 266 10.25 -9.13 8.43
C TRP A 266 10.31 -10.62 8.12
N PHE A 267 11.40 -11.26 8.52
CA PHE A 267 11.60 -12.68 8.28
C PHE A 267 12.03 -13.36 9.57
N HIS A 268 13.17 -14.04 9.53
CA HIS A 268 13.70 -14.73 10.71
C HIS A 268 15.22 -14.77 10.67
N ILE A 269 15.86 -13.97 11.51
CA ILE A 269 17.32 -13.90 11.55
C ILE A 269 17.95 -14.97 12.44
N ARG A 270 19.05 -15.55 11.97
CA ARG A 270 19.76 -16.56 12.72
C ARG A 270 21.25 -16.22 12.80
N SER A 271 21.81 -15.71 11.71
CA SER A 271 23.23 -15.34 11.66
C SER A 271 23.40 -13.95 11.05
N LEU A 272 24.24 -13.12 11.67
CA LEU A 272 24.48 -11.76 11.19
C LEU A 272 24.58 -11.75 9.66
N PRO A 273 25.55 -12.48 9.08
CA PRO A 273 25.66 -12.49 7.62
C PRO A 273 24.51 -13.32 7.04
N LEU A 274 24.23 -13.15 5.76
CA LEU A 274 23.16 -13.91 5.13
C LEU A 274 23.76 -15.02 4.29
N GLU A 275 24.92 -15.49 4.73
CA GLU A 275 25.64 -16.57 4.05
C GLU A 275 24.93 -17.89 4.26
N VAL A 276 25.32 -18.90 3.48
CA VAL A 276 24.75 -20.25 3.56
C VAL A 276 25.74 -21.22 2.95
N VAL A 277 26.13 -20.93 1.71
CA VAL A 277 27.08 -21.72 0.91
C VAL A 277 26.75 -23.22 0.93
N ASP A 278 27.30 -23.93 1.91
CA ASP A 278 27.06 -25.37 2.06
C ASP A 278 26.63 -25.64 3.50
N GLY A 279 26.92 -24.68 4.37
CA GLY A 279 26.53 -24.81 5.77
C GLY A 279 25.03 -24.93 5.83
N ILE A 280 24.36 -23.89 6.32
CA ILE A 280 22.91 -23.91 6.44
C ILE A 280 22.33 -22.50 6.30
N PRO A 281 21.18 -22.36 5.61
CA PRO A 281 20.53 -21.05 5.41
C PRO A 281 20.41 -20.28 6.73
N THR A 282 21.24 -19.25 6.86
CA THR A 282 21.25 -18.43 8.06
C THR A 282 19.89 -17.82 8.40
N TYR A 283 18.85 -18.24 7.68
CA TYR A 283 17.50 -17.73 7.91
C TYR A 283 16.44 -18.79 7.63
N ASP A 284 15.39 -18.80 8.44
CA ASP A 284 14.34 -19.79 8.25
C ASP A 284 13.70 -19.69 6.87
N THR A 285 14.02 -20.69 6.05
CA THR A 285 13.53 -20.78 4.69
C THR A 285 12.49 -21.87 4.55
N PHE A 286 11.97 -22.02 3.33
CA PHE A 286 10.97 -23.03 3.02
C PHE A 286 11.43 -24.35 3.60
N ALA A 287 12.18 -25.12 2.83
CA ALA A 287 12.68 -26.39 3.31
C ALA A 287 14.12 -26.06 3.62
N PHE A 288 14.88 -25.84 2.55
CA PHE A 288 16.28 -25.49 2.65
C PHE A 288 16.70 -24.91 1.32
N GLU A 289 15.93 -23.91 0.89
CA GLU A 289 16.17 -23.19 -0.34
C GLU A 289 16.27 -21.72 0.04
N PRO A 290 17.50 -21.20 0.16
CA PRO A 290 17.76 -19.81 0.53
C PRO A 290 16.91 -18.83 -0.30
N LEU A 291 16.67 -19.18 -1.56
CA LEU A 291 15.90 -18.34 -2.47
C LEU A 291 14.42 -18.35 -2.09
N MET A 292 14.14 -18.62 -0.82
CA MET A 292 12.76 -18.68 -0.32
C MET A 292 12.72 -18.55 1.20
N PRO A 293 12.92 -17.32 1.71
CA PRO A 293 12.90 -17.11 3.16
C PRO A 293 11.48 -17.14 3.69
N LYS A 294 11.31 -17.59 4.94
CA LYS A 294 9.98 -17.64 5.52
C LYS A 294 9.63 -16.28 6.07
N LEU A 295 8.43 -15.80 5.73
CA LEU A 295 7.97 -14.51 6.20
C LEU A 295 7.55 -14.55 7.66
N ASN A 296 7.89 -13.50 8.40
CA ASN A 296 7.53 -13.40 9.80
C ASN A 296 6.05 -13.07 9.86
N THR A 297 5.23 -14.07 9.51
CA THR A 297 3.78 -13.94 9.49
C THR A 297 3.19 -13.29 10.75
N GLU A 298 3.97 -13.28 11.84
CA GLU A 298 3.54 -12.67 13.09
C GLU A 298 3.81 -11.17 13.07
N HIS A 299 4.80 -10.76 12.28
CA HIS A 299 5.16 -9.35 12.18
C HIS A 299 3.97 -8.52 11.72
N PRO A 300 3.71 -7.40 12.42
CA PRO A 300 2.60 -6.50 12.11
C PRO A 300 2.53 -6.02 10.66
N ASP A 301 3.55 -5.29 10.23
CA ASP A 301 3.58 -4.79 8.86
C ASP A 301 3.44 -5.95 7.89
N VAL A 302 4.19 -7.01 8.13
CA VAL A 302 4.15 -8.19 7.26
C VAL A 302 2.70 -8.64 7.11
N LYS A 303 1.96 -8.66 8.22
CA LYS A 303 0.57 -9.06 8.18
C LYS A 303 -0.17 -8.27 7.10
N GLU A 304 -0.42 -7.00 7.40
CA GLU A 304 -1.12 -6.10 6.48
C GLU A 304 -0.76 -6.34 5.02
N TYR A 305 0.54 -6.35 4.72
CA TYR A 305 1.00 -6.57 3.36
C TYR A 305 0.25 -7.73 2.74
N LEU A 306 0.46 -8.92 3.30
CA LEU A 306 -0.18 -10.13 2.81
C LEU A 306 -1.69 -10.00 2.93
N LEU A 307 -2.13 -9.41 4.03
CA LEU A 307 -3.56 -9.22 4.25
C LEU A 307 -4.15 -8.45 3.07
N LYS A 308 -3.91 -7.15 3.03
CA LYS A 308 -4.41 -6.32 1.95
C LYS A 308 -4.14 -7.00 0.62
N ALA A 309 -3.07 -7.80 0.59
CA ALA A 309 -2.72 -8.53 -0.63
C ALA A 309 -3.84 -9.51 -0.95
N ALA A 310 -4.05 -10.46 -0.05
CA ALA A 310 -5.09 -11.46 -0.23
C ALA A 310 -6.39 -10.81 -0.70
N GLU A 311 -6.86 -9.83 0.06
CA GLU A 311 -8.09 -9.13 -0.27
C GLU A 311 -7.98 -8.38 -1.59
N TYR A 312 -6.82 -7.76 -1.83
CA TYR A 312 -6.61 -7.01 -3.07
C TYR A 312 -7.25 -7.71 -4.24
N TRP A 313 -6.59 -8.74 -4.74
CA TRP A 313 -7.07 -9.49 -5.88
C TRP A 313 -8.54 -9.86 -5.76
N ILE A 314 -8.92 -10.42 -4.62
CA ILE A 314 -10.32 -10.78 -4.41
C ILE A 314 -11.13 -9.55 -4.75
N ARG A 315 -10.74 -8.43 -4.13
CA ARG A 315 -11.38 -7.15 -4.31
C ARG A 315 -11.47 -6.68 -5.75
N GLU A 316 -10.33 -6.60 -6.42
CA GLU A 316 -10.29 -6.12 -7.78
C GLU A 316 -10.39 -7.20 -8.86
N THR A 317 -9.67 -8.30 -8.71
CA THR A 317 -9.74 -9.38 -9.70
C THR A 317 -11.10 -10.05 -9.57
N GLY A 318 -11.65 -10.02 -8.36
CA GLY A 318 -12.93 -10.65 -8.12
C GLY A 318 -12.82 -12.15 -8.19
N ILE A 319 -11.63 -12.67 -7.91
CA ILE A 319 -11.40 -14.11 -7.95
C ILE A 319 -12.39 -14.80 -7.03
N ASP A 320 -12.35 -16.13 -7.01
CA ASP A 320 -13.27 -16.89 -6.19
C ASP A 320 -12.65 -17.55 -4.96
N GLY A 321 -11.42 -17.18 -4.62
CA GLY A 321 -10.82 -17.77 -3.45
C GLY A 321 -9.32 -17.96 -3.52
N TRP A 322 -8.74 -18.31 -2.38
CA TRP A 322 -7.31 -18.53 -2.31
C TRP A 322 -6.96 -19.94 -1.90
N ARG A 323 -5.95 -20.49 -2.57
CA ARG A 323 -5.43 -21.81 -2.25
C ARG A 323 -4.20 -21.40 -1.46
N LEU A 324 -3.88 -22.11 -0.40
CA LEU A 324 -2.72 -21.75 0.39
C LEU A 324 -1.54 -22.66 0.10
N ASP A 325 -0.67 -22.20 -0.81
CA ASP A 325 0.54 -22.93 -1.22
C ASP A 325 0.98 -23.96 -0.17
N VAL A 326 1.23 -23.47 1.03
CA VAL A 326 1.66 -24.29 2.16
C VAL A 326 1.24 -23.50 3.38
N ALA A 327 0.19 -23.96 4.05
CA ALA A 327 -0.33 -23.27 5.22
C ALA A 327 0.08 -23.89 6.53
N ASN A 328 0.30 -25.21 6.51
CA ASN A 328 0.69 -25.93 7.70
C ASN A 328 2.04 -25.50 8.25
N GLU A 329 2.38 -24.23 8.04
CA GLU A 329 3.66 -23.68 8.53
C GLU A 329 3.55 -22.17 8.74
N VAL A 330 2.36 -21.62 8.49
CA VAL A 330 2.13 -20.19 8.68
C VAL A 330 1.28 -19.97 9.92
N SER A 331 1.66 -18.98 10.72
CA SER A 331 0.96 -18.66 11.95
C SER A 331 -0.53 -18.93 11.84
N HIS A 332 -1.07 -19.65 12.82
CA HIS A 332 -2.49 -19.97 12.81
C HIS A 332 -3.24 -18.69 13.04
N GLN A 333 -2.57 -17.73 13.68
CA GLN A 333 -3.19 -16.45 13.94
C GLN A 333 -3.47 -15.73 12.63
N PHE A 334 -2.42 -15.47 11.86
CA PHE A 334 -2.60 -14.80 10.57
C PHE A 334 -3.72 -15.48 9.83
N TRP A 335 -3.77 -16.80 9.94
CA TRP A 335 -4.80 -17.58 9.29
C TRP A 335 -6.16 -17.14 9.77
N ARG A 336 -6.25 -16.85 11.06
CA ARG A 336 -7.49 -16.38 11.65
C ARG A 336 -7.84 -15.07 10.98
N GLU A 337 -7.05 -14.04 11.28
CA GLU A 337 -7.24 -12.70 10.72
C GLU A 337 -7.48 -12.76 9.22
N PHE A 338 -6.80 -13.68 8.57
CA PHE A 338 -6.91 -13.86 7.13
C PHE A 338 -8.36 -14.01 6.71
N ARG A 339 -9.01 -15.06 7.19
CA ARG A 339 -10.39 -15.35 6.85
C ARG A 339 -11.28 -14.13 6.98
N ARG A 340 -11.41 -13.64 8.22
CA ARG A 340 -12.24 -12.47 8.50
C ARG A 340 -12.09 -11.48 7.35
N VAL A 341 -10.85 -11.23 6.96
CA VAL A 341 -10.53 -10.31 5.87
C VAL A 341 -11.10 -10.76 4.53
N VAL A 342 -10.61 -11.89 4.04
CA VAL A 342 -11.06 -12.43 2.75
C VAL A 342 -12.56 -12.68 2.78
N LYS A 343 -13.17 -12.42 3.93
CA LYS A 343 -14.61 -12.59 4.03
C LYS A 343 -15.29 -11.24 3.87
N GLN A 344 -14.75 -10.22 4.53
CA GLN A 344 -15.33 -8.88 4.43
C GLN A 344 -15.09 -8.30 3.03
N ALA A 345 -14.39 -9.06 2.19
CA ALA A 345 -14.12 -8.64 0.82
C ALA A 345 -15.04 -9.43 -0.11
N ASN A 346 -15.19 -10.71 0.20
CA ASN A 346 -16.07 -11.59 -0.55
C ASN A 346 -16.39 -12.72 0.40
N PRO A 347 -17.58 -12.67 1.02
CA PRO A 347 -17.92 -13.74 1.95
C PRO A 347 -17.70 -15.09 1.29
N ASP A 348 -18.35 -15.33 0.15
CA ASP A 348 -18.23 -16.59 -0.55
C ASP A 348 -16.80 -16.98 -0.92
N ALA A 349 -15.83 -16.18 -0.51
CA ALA A 349 -14.43 -16.47 -0.80
C ALA A 349 -14.11 -17.87 -0.27
N TYR A 350 -13.33 -18.62 -1.04
CA TYR A 350 -12.96 -19.98 -0.68
C TYR A 350 -11.53 -20.03 -0.18
N ILE A 351 -11.35 -20.37 1.09
CA ILE A 351 -10.02 -20.45 1.67
C ILE A 351 -9.51 -21.88 1.72
N LEU A 352 -8.85 -22.28 0.64
CA LEU A 352 -8.29 -23.62 0.54
C LEU A 352 -6.83 -23.53 0.92
N GLY A 353 -6.36 -24.50 1.69
CA GLY A 353 -4.96 -24.49 2.10
C GLY A 353 -4.28 -25.79 1.75
N GLU A 354 -2.96 -25.77 1.64
CA GLU A 354 -2.24 -27.00 1.33
C GLU A 354 -1.76 -27.70 2.59
N VAL A 355 -2.54 -28.68 3.03
CA VAL A 355 -2.24 -29.48 4.21
C VAL A 355 -2.41 -30.94 3.81
N TRP A 356 -1.29 -31.64 3.69
CA TRP A 356 -1.32 -33.04 3.27
C TRP A 356 -1.72 -33.95 4.42
N HIS A 357 -1.61 -33.45 5.66
CA HIS A 357 -1.95 -34.26 6.83
C HIS A 357 -3.27 -33.87 7.52
N GLU A 358 -3.71 -34.72 8.44
CA GLU A 358 -4.94 -34.52 9.20
C GLU A 358 -4.97 -33.06 9.64
N SER A 359 -5.98 -32.31 9.19
CA SER A 359 -6.05 -30.89 9.54
C SER A 359 -7.32 -30.39 10.22
N SER A 360 -7.88 -31.19 11.12
CA SER A 360 -9.09 -30.80 11.83
C SER A 360 -8.83 -29.53 12.64
N ILE A 361 -7.55 -29.19 12.79
CA ILE A 361 -7.12 -28.01 13.52
C ILE A 361 -7.56 -26.73 12.79
N TRP A 362 -7.28 -26.68 11.50
CA TRP A 362 -7.62 -25.52 10.68
C TRP A 362 -9.09 -25.52 10.28
N LEU A 363 -9.72 -26.68 10.36
CA LEU A 363 -11.11 -26.80 10.00
C LEU A 363 -11.98 -26.74 11.23
N GLU A 364 -11.95 -25.59 11.90
CA GLU A 364 -12.72 -25.38 13.10
C GLU A 364 -13.59 -24.15 12.84
N GLY A 365 -13.67 -23.77 11.56
CA GLY A 365 -14.45 -22.60 11.17
C GLY A 365 -13.73 -21.37 11.66
N ASP A 366 -12.51 -21.58 12.13
CA ASP A 366 -11.68 -20.51 12.67
C ASP A 366 -10.55 -20.10 11.73
N GLN A 367 -10.28 -20.92 10.71
CA GLN A 367 -9.20 -20.59 9.80
C GLN A 367 -9.45 -20.91 8.33
N PHE A 368 -9.62 -22.18 7.99
CA PHE A 368 -9.85 -22.56 6.60
C PHE A 368 -11.28 -22.93 6.22
N ASP A 369 -11.42 -23.29 4.95
CA ASP A 369 -12.69 -23.73 4.37
C ASP A 369 -12.47 -25.18 3.98
N ALA A 370 -11.27 -25.47 3.51
CA ALA A 370 -10.91 -26.81 3.09
C ALA A 370 -9.41 -26.96 2.93
N VAL A 371 -8.97 -28.13 2.49
CA VAL A 371 -7.55 -28.39 2.30
C VAL A 371 -7.33 -29.41 1.17
N MET A 372 -6.06 -29.70 0.91
CA MET A 372 -5.71 -30.67 -0.11
C MET A 372 -5.98 -31.98 0.61
N ASN A 373 -7.06 -32.67 0.22
CA ASN A 373 -7.41 -33.91 0.88
C ASN A 373 -6.49 -35.07 0.54
N TYR A 374 -5.18 -34.85 0.67
CA TYR A 374 -4.22 -35.88 0.39
C TYR A 374 -4.54 -37.17 1.14
N PRO A 375 -5.04 -37.06 2.38
CA PRO A 375 -5.36 -38.33 3.04
C PRO A 375 -6.27 -39.14 2.13
N PHE A 376 -7.34 -38.51 1.63
CA PHE A 376 -8.27 -39.15 0.71
C PHE A 376 -7.43 -39.70 -0.44
N THR A 377 -6.76 -38.78 -1.12
CA THR A 377 -5.91 -39.12 -2.24
C THR A 377 -5.04 -40.33 -1.91
N ASN A 378 -4.40 -40.26 -0.74
CA ASN A 378 -3.52 -41.32 -0.29
C ASN A 378 -4.24 -42.65 -0.22
N ALA A 379 -5.57 -42.62 -0.31
CA ALA A 379 -6.34 -43.86 -0.27
C ALA A 379 -6.54 -44.41 -1.66
N VAL A 380 -7.29 -43.67 -2.48
CA VAL A 380 -7.59 -44.07 -3.86
C VAL A 380 -6.33 -44.59 -4.54
N LEU A 381 -5.34 -43.72 -4.67
CA LEU A 381 -4.08 -44.08 -5.30
C LEU A 381 -3.52 -45.35 -4.65
N ASP A 382 -3.58 -45.39 -3.32
CA ASP A 382 -3.10 -46.55 -2.58
C ASP A 382 -3.99 -47.75 -2.84
N PHE A 383 -5.06 -47.56 -3.59
CA PHE A 383 -5.96 -48.66 -3.89
C PHE A 383 -6.03 -48.99 -5.37
N PHE A 384 -6.50 -48.03 -6.17
CA PHE A 384 -6.63 -48.27 -7.60
C PHE A 384 -5.32 -48.29 -8.36
N ILE A 385 -4.44 -47.35 -8.05
CA ILE A 385 -3.16 -47.27 -8.75
C ILE A 385 -2.15 -48.32 -8.28
N HIS A 386 -1.62 -48.11 -7.09
CA HIS A 386 -0.64 -49.02 -6.54
C HIS A 386 -1.25 -50.38 -6.25
N GLN A 387 -2.58 -50.40 -6.10
CA GLN A 387 -3.30 -51.63 -5.83
C GLN A 387 -2.53 -52.53 -4.85
N ILE A 388 -2.37 -52.03 -3.63
CA ILE A 388 -1.70 -52.74 -2.57
C ILE A 388 -2.68 -52.89 -1.42
N ALA A 389 -3.70 -52.04 -1.42
CA ALA A 389 -4.74 -52.08 -0.41
C ALA A 389 -5.96 -52.69 -1.07
N ASP A 390 -6.72 -53.46 -0.29
CA ASP A 390 -7.91 -54.13 -0.80
C ASP A 390 -9.14 -53.23 -0.76
N ALA A 391 -10.30 -53.86 -0.65
CA ALA A 391 -11.55 -53.12 -0.60
C ALA A 391 -11.74 -52.54 0.80
N GLU A 392 -11.92 -53.42 1.78
CA GLU A 392 -12.12 -52.97 3.16
C GLU A 392 -11.14 -51.89 3.56
N LYS A 393 -9.85 -52.11 3.29
CA LYS A 393 -8.84 -51.11 3.63
C LYS A 393 -9.31 -49.75 3.13
N PHE A 394 -9.73 -49.72 1.88
CA PHE A 394 -10.21 -48.51 1.26
C PHE A 394 -11.33 -47.93 2.14
N SER A 395 -12.38 -48.70 2.34
CA SER A 395 -13.49 -48.25 3.17
C SER A 395 -12.94 -47.84 4.53
N PHE A 396 -11.90 -48.54 4.97
CA PHE A 396 -11.27 -48.26 6.25
C PHE A 396 -10.60 -46.90 6.25
N MET A 397 -9.85 -46.60 5.21
CA MET A 397 -9.18 -45.31 5.11
C MET A 397 -10.26 -44.23 4.97
N LEU A 398 -11.42 -44.65 4.47
CA LEU A 398 -12.52 -43.71 4.32
C LEU A 398 -13.37 -43.78 5.59
N GLY A 399 -12.68 -43.86 6.72
CA GLY A 399 -13.35 -43.92 8.00
C GLY A 399 -12.52 -43.14 8.99
N LYS A 400 -11.23 -43.47 9.08
CA LYS A 400 -10.32 -42.79 9.98
C LYS A 400 -10.36 -41.31 9.67
N GLN A 401 -10.68 -40.99 8.42
CA GLN A 401 -10.76 -39.60 7.98
C GLN A 401 -12.19 -39.19 7.64
N LEU A 402 -13.04 -40.16 7.36
CA LEU A 402 -14.44 -39.85 7.06
C LEU A 402 -15.04 -39.16 8.28
N ALA A 403 -14.67 -39.66 9.45
CA ALA A 403 -15.17 -39.10 10.69
C ALA A 403 -14.20 -38.05 11.22
N GLY A 404 -12.93 -38.25 10.94
CA GLY A 404 -11.90 -37.32 11.39
C GLY A 404 -12.25 -35.86 11.30
N TYR A 405 -13.08 -35.52 10.30
CA TYR A 405 -13.50 -34.14 10.08
C TYR A 405 -15.00 -34.01 10.30
N PRO A 406 -15.48 -32.77 10.49
CA PRO A 406 -16.91 -32.50 10.70
C PRO A 406 -17.74 -32.69 9.42
N ARG A 407 -19.03 -32.96 9.62
CA ARG A 407 -19.97 -33.19 8.52
C ARG A 407 -19.84 -32.21 7.35
N GLN A 408 -19.73 -30.92 7.65
CA GLN A 408 -19.61 -29.92 6.59
C GLN A 408 -18.29 -30.00 5.85
N ALA A 409 -17.20 -29.58 6.51
CA ALA A 409 -15.87 -29.60 5.91
C ALA A 409 -15.70 -30.84 5.05
N SER A 410 -16.07 -32.00 5.59
CA SER A 410 -15.95 -33.24 4.86
C SER A 410 -16.62 -33.08 3.51
N GLU A 411 -17.86 -32.58 3.53
CA GLU A 411 -18.64 -32.37 2.31
C GLU A 411 -18.04 -31.37 1.34
N VAL A 412 -17.02 -30.63 1.78
CA VAL A 412 -16.37 -29.62 0.96
C VAL A 412 -14.89 -29.92 0.78
N MET A 413 -14.54 -31.19 0.86
CA MET A 413 -13.15 -31.59 0.72
C MET A 413 -12.65 -31.54 -0.70
N PHE A 414 -11.54 -30.82 -0.89
CA PHE A 414 -10.90 -30.66 -2.19
C PHE A 414 -10.26 -32.00 -2.56
N ASN A 415 -11.09 -33.03 -2.73
CA ASN A 415 -10.62 -34.37 -3.06
C ASN A 415 -10.07 -34.52 -4.49
N LEU A 416 -8.76 -34.37 -4.63
CA LEU A 416 -8.10 -34.50 -5.93
C LEU A 416 -7.44 -35.88 -5.95
N LEU A 417 -6.48 -36.06 -6.85
CA LEU A 417 -5.77 -37.33 -6.95
C LEU A 417 -4.39 -37.12 -7.53
N ASP A 418 -4.14 -35.92 -8.07
CA ASP A 418 -2.85 -35.58 -8.65
C ASP A 418 -2.70 -34.07 -8.79
N SER A 419 -1.46 -33.61 -8.87
CA SER A 419 -1.21 -32.18 -8.99
C SER A 419 0.23 -31.93 -9.44
N HIS A 420 0.65 -30.67 -9.41
CA HIS A 420 2.00 -30.29 -9.81
C HIS A 420 3.02 -30.67 -8.75
N ASP A 421 2.56 -30.87 -7.52
CA ASP A 421 3.42 -31.24 -6.40
C ASP A 421 3.75 -32.73 -6.38
N THR A 422 2.97 -33.52 -7.11
CA THR A 422 3.17 -34.97 -7.18
C THR A 422 3.11 -35.45 -8.61
N ALA A 423 3.13 -36.77 -8.77
CA ALA A 423 3.07 -37.37 -10.10
C ALA A 423 1.65 -37.28 -10.65
N ARG A 424 1.46 -37.83 -11.85
CA ARG A 424 0.14 -37.83 -12.46
C ARG A 424 -0.56 -39.18 -12.34
N LEU A 425 -1.87 -39.11 -12.17
CA LEU A 425 -2.68 -40.31 -12.03
C LEU A 425 -2.31 -41.35 -13.07
N LEU A 426 -2.35 -40.94 -14.34
CA LEU A 426 -2.03 -41.82 -15.46
C LEU A 426 -0.76 -42.65 -15.26
N THR A 427 0.38 -41.97 -15.11
CA THR A 427 1.66 -42.66 -14.93
C THR A 427 1.62 -43.48 -13.64
N GLN A 428 0.96 -42.95 -12.62
CA GLN A 428 0.84 -43.64 -11.34
C GLN A 428 0.39 -45.06 -11.66
N ALA A 429 -0.48 -45.18 -12.66
CA ALA A 429 -0.98 -46.47 -13.11
C ALA A 429 0.04 -46.93 -14.15
N ASP A 430 -0.14 -46.45 -15.37
CA ASP A 430 0.73 -46.74 -16.53
C ASP A 430 -0.08 -47.06 -17.78
N GLY A 431 -0.51 -46.01 -18.47
CA GLY A 431 -1.29 -46.16 -19.69
C GLY A 431 -2.51 -47.04 -19.54
N ASP A 432 -2.80 -47.44 -18.30
CA ASP A 432 -3.94 -48.29 -18.06
C ASP A 432 -5.18 -47.42 -17.89
N LYS A 433 -5.58 -46.78 -18.98
CA LYS A 433 -6.75 -45.92 -19.00
C LYS A 433 -7.84 -46.53 -18.12
N ARG A 434 -8.05 -47.84 -18.27
CA ARG A 434 -9.04 -48.56 -17.50
C ARG A 434 -8.86 -48.26 -16.02
N LYS A 435 -7.72 -48.72 -15.49
CA LYS A 435 -7.39 -48.53 -14.08
C LYS A 435 -7.56 -47.08 -13.65
N MET A 436 -7.16 -46.16 -14.53
CA MET A 436 -7.28 -44.75 -14.22
C MET A 436 -8.75 -44.39 -14.11
N LYS A 437 -9.49 -44.64 -15.17
CA LYS A 437 -10.91 -44.34 -15.21
C LYS A 437 -11.65 -44.69 -13.92
N LEU A 438 -11.43 -45.89 -13.40
CA LEU A 438 -12.10 -46.33 -12.16
C LEU A 438 -11.78 -45.44 -10.96
N ALA A 439 -10.59 -44.83 -10.98
CA ALA A 439 -10.16 -43.95 -9.91
C ALA A 439 -10.84 -42.61 -10.13
N VAL A 440 -10.52 -41.98 -11.26
CA VAL A 440 -11.09 -40.69 -11.61
C VAL A 440 -12.56 -40.69 -11.26
N LEU A 441 -13.18 -41.85 -11.43
CA LEU A 441 -14.59 -42.00 -11.12
C LEU A 441 -14.86 -41.78 -9.65
N PHE A 442 -14.29 -42.65 -8.83
CA PHE A 442 -14.47 -42.55 -7.38
C PHE A 442 -14.34 -41.08 -7.00
N GLN A 443 -13.37 -40.41 -7.59
CA GLN A 443 -13.15 -38.99 -7.35
C GLN A 443 -14.48 -38.28 -7.61
N PHE A 444 -14.99 -38.40 -8.84
CA PHE A 444 -16.26 -37.78 -9.17
C PHE A 444 -17.41 -38.66 -8.74
N THR A 445 -17.22 -39.37 -7.64
CA THR A 445 -18.25 -40.25 -7.11
C THR A 445 -18.37 -40.09 -5.60
N TYR A 446 -17.32 -39.56 -4.99
CA TYR A 446 -17.31 -39.34 -3.56
C TYR A 446 -17.85 -37.93 -3.37
N PHE A 447 -17.95 -37.47 -2.13
CA PHE A 447 -18.46 -36.13 -1.89
C PHE A 447 -17.33 -35.15 -1.58
N GLY A 448 -17.65 -33.87 -1.66
CA GLY A 448 -16.65 -32.84 -1.44
C GLY A 448 -16.34 -32.33 -2.84
N THR A 449 -15.27 -31.57 -3.00
CA THR A 449 -14.95 -31.05 -4.32
C THR A 449 -13.80 -31.81 -5.00
N PRO A 450 -14.03 -32.26 -6.24
CA PRO A 450 -13.04 -32.99 -7.03
C PRO A 450 -12.18 -31.99 -7.79
N CYS A 451 -10.97 -32.37 -8.17
CA CYS A 451 -10.10 -31.44 -8.89
C CYS A 451 -9.36 -32.09 -10.05
N ILE A 452 -9.48 -31.49 -11.22
CA ILE A 452 -8.82 -32.03 -12.41
C ILE A 452 -7.57 -31.27 -12.80
N TYR A 453 -6.43 -31.94 -12.64
CA TYR A 453 -5.15 -31.37 -13.01
C TYR A 453 -5.25 -31.17 -14.51
N TYR A 454 -4.97 -29.96 -14.99
CA TYR A 454 -5.07 -29.69 -16.43
C TYR A 454 -4.39 -30.80 -17.22
N GLY A 455 -4.80 -30.97 -18.46
CA GLY A 455 -4.21 -32.01 -19.28
C GLY A 455 -4.31 -33.33 -18.54
N ASP A 456 -5.21 -34.18 -18.99
CA ASP A 456 -5.45 -35.50 -18.41
C ASP A 456 -6.74 -35.93 -19.08
N GLU A 457 -7.68 -35.00 -19.16
CA GLU A 457 -8.95 -35.27 -19.81
C GLU A 457 -8.57 -35.74 -21.19
N VAL A 458 -7.41 -35.28 -21.64
CA VAL A 458 -6.88 -35.60 -22.95
C VAL A 458 -5.88 -36.76 -22.87
N GLY A 459 -5.29 -36.93 -21.69
CA GLY A 459 -4.33 -38.00 -21.51
C GLY A 459 -2.89 -37.51 -21.57
N LEU A 460 -2.27 -37.36 -20.41
CA LEU A 460 -0.89 -36.91 -20.33
C LEU A 460 -0.10 -37.69 -19.28
N ASP A 461 1.05 -38.21 -19.70
CA ASP A 461 1.91 -38.98 -18.81
C ASP A 461 2.96 -38.04 -18.20
N GLY A 462 2.83 -37.77 -16.91
CA GLY A 462 3.77 -36.89 -16.24
C GLY A 462 4.72 -37.64 -15.33
N GLY A 463 5.32 -36.93 -14.39
CA GLY A 463 6.24 -37.53 -13.44
C GLY A 463 6.20 -36.73 -12.16
N HIS A 464 7.33 -36.16 -11.75
CA HIS A 464 7.37 -35.34 -10.54
C HIS A 464 7.41 -33.89 -10.99
N ASP A 465 7.71 -32.95 -10.08
CA ASP A 465 7.73 -31.54 -10.44
C ASP A 465 8.12 -31.23 -11.89
N PRO A 466 9.22 -31.82 -12.40
CA PRO A 466 9.58 -31.52 -13.80
C PRO A 466 8.65 -32.27 -14.77
N GLY A 467 8.51 -33.57 -14.54
CA GLY A 467 7.65 -34.38 -15.39
C GLY A 467 6.19 -33.95 -15.28
N CYS A 468 5.57 -34.23 -14.14
CA CYS A 468 4.16 -33.90 -13.89
C CYS A 468 3.72 -32.61 -14.56
N ARG A 469 4.58 -31.60 -14.49
CA ARG A 469 4.29 -30.31 -15.09
C ARG A 469 4.68 -30.30 -16.56
N LYS A 470 4.29 -31.37 -17.27
CA LYS A 470 4.58 -31.51 -18.68
C LYS A 470 3.76 -30.50 -19.49
N CYS A 471 4.34 -29.98 -20.57
CA CYS A 471 3.64 -29.01 -21.39
C CYS A 471 2.29 -29.58 -21.83
N MET A 472 1.37 -28.69 -22.18
CA MET A 472 0.04 -29.09 -22.62
C MET A 472 0.05 -29.52 -24.09
N GLU A 473 -0.86 -30.42 -24.45
CA GLU A 473 -0.96 -30.90 -25.82
C GLU A 473 -2.13 -30.25 -26.53
N TRP A 474 -1.84 -29.23 -27.34
CA TRP A 474 -2.88 -28.49 -28.07
C TRP A 474 -3.14 -28.98 -29.49
N ASP A 475 -2.45 -30.03 -29.89
CA ASP A 475 -2.64 -30.59 -31.23
C ASP A 475 -3.76 -31.62 -31.14
N GLU A 476 -4.95 -31.23 -31.62
CA GLU A 476 -6.13 -32.09 -31.61
C GLU A 476 -5.80 -33.57 -31.84
N THR A 477 -4.74 -33.84 -32.59
CA THR A 477 -4.32 -35.21 -32.87
C THR A 477 -4.20 -35.97 -31.56
N LYS A 478 -3.26 -35.56 -30.72
CA LYS A 478 -3.07 -36.18 -29.40
C LYS A 478 -4.31 -35.78 -28.61
N HIS A 479 -5.30 -36.66 -28.58
CA HIS A 479 -6.56 -36.36 -27.90
C HIS A 479 -7.30 -37.64 -27.51
N ASP A 480 -6.97 -38.22 -26.36
CA ASP A 480 -7.66 -39.43 -25.93
C ASP A 480 -9.12 -39.06 -25.69
N LYS A 481 -9.88 -38.97 -26.77
CA LYS A 481 -11.29 -38.61 -26.68
C LYS A 481 -12.05 -39.59 -25.81
N ASP A 482 -11.87 -40.89 -26.03
CA ASP A 482 -12.57 -41.88 -25.23
C ASP A 482 -12.28 -41.61 -23.76
N LEU A 483 -11.18 -40.90 -23.52
CA LEU A 483 -10.78 -40.54 -22.17
C LEU A 483 -11.41 -39.22 -21.80
N PHE A 484 -11.41 -38.29 -22.74
CA PHE A 484 -12.00 -36.97 -22.53
C PHE A 484 -13.50 -37.21 -22.34
N ALA A 485 -14.06 -38.02 -23.22
CA ALA A 485 -15.48 -38.36 -23.17
C ALA A 485 -15.73 -38.92 -21.78
N PHE A 486 -14.87 -39.84 -21.37
CA PHE A 486 -14.99 -40.44 -20.05
C PHE A 486 -15.20 -39.29 -19.07
N TYR A 487 -14.26 -38.34 -19.08
CA TYR A 487 -14.35 -37.20 -18.20
C TYR A 487 -15.68 -36.48 -18.31
N GLN A 488 -15.93 -35.84 -19.46
CA GLN A 488 -17.18 -35.12 -19.68
C GLN A 488 -18.34 -35.88 -19.05
N THR A 489 -18.50 -37.13 -19.48
CA THR A 489 -19.57 -37.99 -18.97
C THR A 489 -19.51 -37.94 -17.45
N VAL A 490 -18.39 -38.41 -16.90
CA VAL A 490 -18.19 -38.41 -15.45
C VAL A 490 -18.49 -37.04 -14.85
N ILE A 491 -18.10 -35.99 -15.57
CA ILE A 491 -18.33 -34.62 -15.11
C ILE A 491 -19.81 -34.34 -15.02
N ARG A 492 -20.44 -34.18 -16.19
CA ARG A 492 -21.87 -33.91 -16.25
C ARG A 492 -22.59 -34.88 -15.32
N LEU A 493 -22.08 -36.10 -15.26
CA LEU A 493 -22.66 -37.13 -14.42
C LEU A 493 -22.60 -36.63 -12.97
N ARG A 494 -21.44 -36.15 -12.56
CA ARG A 494 -21.29 -35.64 -11.20
C ARG A 494 -22.32 -34.52 -11.02
N GLN A 495 -22.72 -33.90 -12.12
CA GLN A 495 -23.71 -32.82 -12.10
C GLN A 495 -25.12 -33.36 -12.22
N ALA A 496 -25.32 -34.30 -13.14
CA ALA A 496 -26.62 -34.89 -13.38
C ALA A 496 -27.36 -35.30 -12.12
N HIS A 497 -26.64 -35.59 -11.05
CA HIS A 497 -27.28 -35.98 -9.80
C HIS A 497 -26.74 -35.26 -8.57
N ALA A 498 -27.47 -35.38 -7.46
CA ALA A 498 -27.09 -34.74 -6.20
C ALA A 498 -26.57 -35.74 -5.17
N ALA A 499 -27.01 -36.98 -5.28
CA ALA A 499 -26.57 -38.03 -4.36
C ALA A 499 -25.06 -38.15 -4.44
N LEU A 500 -24.55 -38.16 -5.66
CA LEU A 500 -23.12 -38.25 -5.90
C LEU A 500 -22.50 -36.94 -5.43
N ARG A 501 -23.23 -35.85 -5.61
CA ARG A 501 -22.75 -34.55 -5.18
C ARG A 501 -22.52 -34.64 -3.68
N THR A 502 -23.59 -34.68 -2.91
CA THR A 502 -23.49 -34.76 -1.46
C THR A 502 -24.55 -35.64 -0.82
N GLY A 503 -24.83 -36.78 -1.44
CA GLY A 503 -25.82 -37.69 -0.88
C GLY A 503 -25.25 -38.52 0.25
N THR A 504 -25.95 -39.59 0.60
CA THR A 504 -25.50 -40.49 1.65
C THR A 504 -24.24 -41.18 1.15
N PHE A 505 -23.97 -42.36 1.67
CA PHE A 505 -22.80 -43.11 1.25
C PHE A 505 -22.59 -44.38 2.06
N LYS A 506 -23.31 -45.44 1.70
CA LYS A 506 -23.15 -46.72 2.39
C LYS A 506 -22.17 -47.58 1.58
N PHE A 507 -22.25 -48.88 1.78
CA PHE A 507 -21.40 -49.83 1.08
C PHE A 507 -22.06 -51.19 1.16
N LEU A 508 -21.98 -51.94 0.07
CA LEU A 508 -22.59 -53.26 0.09
C LEU A 508 -21.59 -54.35 -0.20
N THR A 509 -20.32 -53.99 -0.23
CA THR A 509 -19.26 -54.96 -0.50
C THR A 509 -17.88 -54.37 -0.28
N ALA A 510 -17.06 -55.10 0.47
CA ALA A 510 -15.70 -54.68 0.77
C ALA A 510 -14.90 -55.86 1.29
N GLU A 511 -15.63 -56.91 1.69
CA GLU A 511 -15.02 -58.15 2.20
C GLU A 511 -13.52 -58.18 2.00
N LYS A 512 -12.78 -58.34 3.11
CA LYS A 512 -11.31 -58.35 3.11
C LYS A 512 -10.60 -58.53 1.77
N ASN A 513 -10.02 -59.71 1.55
CA ASN A 513 -9.29 -59.99 0.32
C ASN A 513 -10.15 -59.89 -0.93
N SER A 514 -10.54 -58.66 -1.27
CA SER A 514 -11.38 -58.41 -2.44
C SER A 514 -10.95 -57.12 -3.16
N ARG A 515 -11.41 -56.97 -4.40
CA ARG A 515 -11.09 -55.80 -5.21
C ARG A 515 -12.31 -55.28 -5.97
N GLN A 516 -13.50 -55.70 -5.54
CA GLN A 516 -14.75 -55.28 -6.16
C GLN A 516 -15.48 -54.37 -5.17
N ILE A 517 -15.81 -53.16 -5.60
CA ILE A 517 -16.47 -52.20 -4.72
C ILE A 517 -17.86 -51.75 -5.15
N ALA A 518 -18.70 -51.50 -4.16
CA ALA A 518 -20.05 -51.03 -4.40
C ALA A 518 -20.55 -50.22 -3.21
N TYR A 519 -21.12 -49.06 -3.50
CA TYR A 519 -21.65 -48.20 -2.46
C TYR A 519 -22.94 -47.54 -2.91
N LEU A 520 -23.62 -46.87 -1.96
CA LEU A 520 -24.89 -46.25 -2.25
C LEU A 520 -24.97 -44.80 -1.76
N ARG A 521 -25.69 -43.98 -2.51
CA ARG A 521 -25.89 -42.57 -2.19
C ARG A 521 -27.30 -42.22 -2.68
N GLU A 522 -27.93 -41.19 -2.09
CA GLU A 522 -29.28 -40.82 -2.51
C GLU A 522 -29.93 -39.63 -1.80
N ASP A 523 -30.92 -39.04 -2.49
CA ASP A 523 -31.69 -37.90 -1.96
C ASP A 523 -33.14 -38.37 -2.00
N ASP A 524 -34.10 -37.49 -1.71
CA ASP A 524 -35.50 -37.88 -1.73
C ASP A 524 -36.14 -37.77 -3.11
N GLN A 525 -35.48 -38.32 -4.12
CA GLN A 525 -35.99 -38.30 -5.49
C GLN A 525 -35.31 -39.38 -6.35
N ASP A 526 -33.98 -39.42 -6.29
CA ASP A 526 -33.22 -40.41 -7.05
C ASP A 526 -32.18 -41.13 -6.18
N THR A 527 -32.15 -42.45 -6.28
CA THR A 527 -31.22 -43.27 -5.51
C THR A 527 -30.29 -44.03 -6.47
N ILE A 528 -29.01 -43.68 -6.47
CA ILE A 528 -28.06 -44.36 -7.34
C ILE A 528 -27.12 -45.25 -6.56
N LEU A 529 -26.50 -46.19 -7.26
CA LEU A 529 -25.58 -47.14 -6.66
C LEU A 529 -24.43 -47.41 -7.63
N VAL A 530 -23.21 -47.17 -7.15
CA VAL A 530 -22.01 -47.37 -7.98
C VAL A 530 -21.24 -48.63 -7.63
N VAL A 531 -20.67 -49.25 -8.65
CA VAL A 531 -19.89 -50.46 -8.47
C VAL A 531 -18.64 -50.44 -9.34
N MET A 532 -17.56 -50.99 -8.81
CA MET A 532 -16.30 -51.01 -9.57
C MET A 532 -15.57 -52.34 -9.37
N ASN A 533 -14.85 -52.76 -10.40
CA ASN A 533 -14.10 -54.02 -10.34
C ASN A 533 -12.61 -53.82 -10.61
N ASN A 534 -11.79 -54.11 -9.62
CA ASN A 534 -10.34 -53.95 -9.77
C ASN A 534 -9.69 -55.20 -10.34
N ASP A 535 -10.37 -56.33 -10.25
CA ASP A 535 -9.84 -57.60 -10.76
C ASP A 535 -9.01 -57.35 -12.01
N LYS A 536 -7.98 -58.18 -12.22
CA LYS A 536 -7.15 -58.05 -13.40
C LYS A 536 -8.09 -58.25 -14.61
N ALA A 537 -9.30 -58.73 -14.32
CA ALA A 537 -10.30 -58.97 -15.37
C ALA A 537 -11.74 -59.10 -14.82
N GLY A 538 -12.59 -59.71 -15.63
CA GLY A 538 -13.99 -59.89 -15.26
C GLY A 538 -14.27 -60.37 -13.86
N HIS A 539 -15.51 -60.17 -13.41
CA HIS A 539 -15.94 -60.58 -12.08
C HIS A 539 -17.41 -60.17 -11.87
N THR A 540 -18.27 -61.13 -11.55
CA THR A 540 -19.68 -60.87 -11.33
C THR A 540 -20.02 -60.72 -9.85
N LEU A 541 -21.00 -59.88 -9.55
CA LEU A 541 -21.38 -59.63 -8.17
C LEU A 541 -22.81 -59.94 -7.80
N THR A 542 -23.07 -60.04 -6.50
CA THR A 542 -24.39 -60.34 -5.97
C THR A 542 -24.61 -59.51 -4.71
N LEU A 543 -25.71 -58.78 -4.65
CA LEU A 543 -26.00 -57.95 -3.48
C LEU A 543 -27.44 -57.44 -3.43
N PRO A 544 -28.01 -57.31 -2.21
CA PRO A 544 -29.38 -56.85 -1.94
C PRO A 544 -29.59 -55.33 -2.03
N VAL A 545 -30.85 -54.93 -2.15
CA VAL A 545 -31.22 -53.52 -2.24
C VAL A 545 -32.60 -53.27 -1.64
N ARG A 546 -33.10 -52.04 -1.78
CA ARG A 546 -34.42 -51.68 -1.24
C ARG A 546 -35.52 -51.61 -2.30
N HIS A 547 -36.77 -51.52 -1.82
CA HIS A 547 -37.96 -51.48 -2.67
C HIS A 547 -38.55 -50.10 -2.95
N ALA A 548 -38.52 -49.22 -1.94
CA ALA A 548 -39.06 -47.86 -2.07
C ALA A 548 -38.97 -47.31 -3.49
N GLN A 549 -37.81 -47.48 -4.12
CA GLN A 549 -37.58 -47.01 -5.48
C GLN A 549 -38.52 -47.73 -6.44
N TRP A 550 -38.12 -47.79 -7.71
CA TRP A 550 -38.91 -48.46 -8.75
C TRP A 550 -38.13 -49.46 -9.62
N THR A 551 -36.86 -49.19 -9.93
CA THR A 551 -36.05 -50.12 -10.75
C THR A 551 -34.53 -49.90 -10.62
N HIS A 552 -33.78 -50.29 -11.65
CA HIS A 552 -32.33 -50.13 -11.70
C HIS A 552 -31.88 -49.91 -13.15
N LEU A 553 -31.79 -48.64 -13.56
CA LEU A 553 -31.40 -48.31 -14.93
C LEU A 553 -29.91 -48.09 -15.12
N TRP A 554 -29.28 -48.92 -15.94
CA TRP A 554 -27.85 -48.79 -16.22
C TRP A 554 -27.64 -47.36 -16.69
N GLN A 555 -26.83 -46.61 -15.95
CA GLN A 555 -26.58 -45.21 -16.28
C GLN A 555 -26.01 -44.95 -17.67
N ASP A 556 -24.68 -45.01 -17.76
CA ASP A 556 -23.99 -44.77 -19.03
C ASP A 556 -24.78 -45.23 -20.24
N ASP A 557 -24.87 -46.55 -20.41
CA ASP A 557 -25.58 -47.13 -21.54
C ASP A 557 -27.09 -46.97 -21.46
N VAL A 558 -27.55 -46.27 -20.44
CA VAL A 558 -28.99 -46.05 -20.27
C VAL A 558 -29.73 -47.37 -20.40
N LEU A 559 -29.03 -48.47 -20.12
CA LEU A 559 -29.59 -49.81 -20.19
C LEU A 559 -30.39 -50.02 -18.90
N THR A 560 -30.88 -51.23 -18.66
CA THR A 560 -31.66 -51.47 -17.46
C THR A 560 -31.39 -52.79 -16.74
N ALA A 561 -31.02 -52.67 -15.47
CA ALA A 561 -30.74 -53.83 -14.63
C ALA A 561 -31.97 -54.05 -13.76
N ALA A 562 -32.27 -55.32 -13.47
CA ALA A 562 -33.44 -55.64 -12.65
C ALA A 562 -33.05 -56.21 -11.30
N HIS A 563 -33.87 -55.88 -10.30
CA HIS A 563 -33.67 -56.34 -8.93
C HIS A 563 -33.56 -57.85 -8.97
N GLY A 564 -34.38 -58.47 -9.82
CA GLY A 564 -34.40 -59.91 -9.95
C GLY A 564 -34.72 -60.55 -8.61
N GLN A 565 -33.82 -61.40 -8.15
CA GLN A 565 -33.98 -62.05 -6.86
C GLN A 565 -33.99 -60.94 -5.82
N LEU A 566 -34.00 -61.29 -4.54
CA LEU A 566 -33.97 -60.26 -3.50
C LEU A 566 -32.58 -59.62 -3.54
N THR A 567 -31.84 -59.93 -4.60
CA THR A 567 -30.49 -59.43 -4.82
C THR A 567 -30.22 -59.19 -6.31
N VAL A 568 -29.56 -58.08 -6.63
CA VAL A 568 -29.25 -57.72 -8.01
C VAL A 568 -27.92 -58.28 -8.50
N LYS A 569 -27.97 -58.91 -9.67
CA LYS A 569 -26.78 -59.49 -10.30
C LYS A 569 -26.08 -58.37 -11.08
N LEU A 570 -24.77 -58.20 -10.86
CA LEU A 570 -24.03 -57.17 -11.59
C LEU A 570 -22.68 -57.68 -12.13
N PRO A 571 -22.49 -57.62 -13.46
CA PRO A 571 -21.28 -58.06 -14.17
C PRO A 571 -20.24 -56.96 -14.39
N ALA A 572 -18.97 -57.31 -14.21
CA ALA A 572 -17.87 -56.37 -14.38
C ALA A 572 -16.84 -56.91 -15.38
N TYR A 573 -16.66 -56.18 -16.47
CA TYR A 573 -15.74 -56.57 -17.54
C TYR A 573 -14.29 -56.81 -17.16
N GLY A 574 -13.81 -56.11 -16.13
CA GLY A 574 -12.43 -56.26 -15.71
C GLY A 574 -12.08 -55.07 -14.85
N PHE A 575 -12.66 -53.94 -15.22
CA PHE A 575 -12.49 -52.68 -14.51
C PHE A 575 -13.81 -51.94 -14.70
N ALA A 576 -14.88 -52.57 -14.22
CA ALA A 576 -16.26 -52.07 -14.32
C ALA A 576 -16.56 -50.63 -13.95
N VAL A 577 -16.33 -49.73 -14.89
CA VAL A 577 -16.60 -48.31 -14.69
C VAL A 577 -18.12 -48.19 -14.72
N LEU A 578 -18.78 -49.33 -14.51
CA LEU A 578 -20.24 -49.42 -14.52
C LEU A 578 -20.92 -49.04 -13.22
N LYS A 579 -21.85 -48.09 -13.33
CA LYS A 579 -22.62 -47.61 -12.18
C LYS A 579 -24.00 -47.19 -12.68
N ALA A 580 -25.00 -47.25 -11.79
CA ALA A 580 -26.35 -46.90 -12.18
C ALA A 580 -27.23 -46.46 -11.02
N SER A 581 -28.37 -45.84 -11.34
CA SER A 581 -29.31 -45.36 -10.34
C SER A 581 -30.40 -46.40 -10.17
N SER A 582 -31.58 -45.94 -9.75
CA SER A 582 -32.70 -46.85 -9.54
C SER A 582 -34.02 -46.10 -9.47
N ASP A 583 -34.61 -45.84 -10.63
CA ASP A 583 -35.89 -45.12 -10.74
C ASP A 583 -36.66 -45.01 -9.42
N MET B 1 -12.56 61.41 5.71
CA MET B 1 -11.12 61.51 6.07
C MET B 1 -10.30 60.33 5.50
N PHE B 2 -10.76 59.82 4.36
CA PHE B 2 -10.10 58.72 3.65
C PHE B 2 -9.92 57.43 4.47
N LEU B 3 -11.00 56.99 5.09
CA LEU B 3 -10.98 55.76 5.88
C LEU B 3 -11.28 54.62 4.92
N GLU B 4 -11.69 54.98 3.72
CA GLU B 4 -12.02 54.03 2.67
C GLU B 4 -10.80 53.16 2.36
N ALA B 5 -9.62 53.66 2.73
CA ALA B 5 -8.39 52.94 2.50
C ALA B 5 -8.05 52.11 3.72
N VAL B 6 -8.88 52.20 4.75
CA VAL B 6 -8.65 51.44 5.97
C VAL B 6 -9.24 50.04 5.83
N TYR B 7 -8.44 49.04 6.18
CA TYR B 7 -8.90 47.66 6.10
C TYR B 7 -8.37 46.81 7.25
N HIS B 8 -9.14 45.78 7.61
CA HIS B 8 -8.77 44.87 8.69
C HIS B 8 -9.84 43.78 8.82
N ARG B 9 -9.57 42.60 8.27
CA ARG B 9 -10.51 41.49 8.34
C ARG B 9 -9.88 40.36 9.13
N PRO B 10 -10.48 39.96 10.27
CA PRO B 10 -9.90 38.89 11.09
C PRO B 10 -9.06 37.84 10.39
N ARG B 11 -8.03 37.40 11.12
CA ARG B 11 -7.08 36.40 10.69
C ARG B 11 -6.11 36.81 9.60
N LYS B 12 -5.62 35.81 8.87
CA LYS B 12 -4.63 36.03 7.82
C LYS B 12 -3.48 36.86 8.38
N ASN B 13 -3.35 38.10 7.94
CA ASN B 13 -2.27 38.97 8.40
C ASN B 13 -2.74 40.12 9.28
N PHE B 14 -4.05 40.32 9.34
CA PHE B 14 -4.61 41.40 10.14
C PHE B 14 -4.72 41.01 11.61
N SER B 15 -5.41 39.92 11.91
CA SER B 15 -5.54 39.49 13.29
C SER B 15 -5.34 38.00 13.46
N TYR B 16 -4.10 37.63 13.79
CA TYR B 16 -3.75 36.22 13.96
C TYR B 16 -3.14 36.00 15.33
N ALA B 17 -2.86 34.74 15.65
CA ALA B 17 -2.24 34.40 16.92
C ALA B 17 -0.77 34.06 16.67
N TYR B 18 0.13 34.96 17.11
CA TYR B 18 1.55 34.72 16.92
C TYR B 18 1.96 33.46 17.67
N ASN B 19 1.79 33.46 18.99
CA ASN B 19 2.12 32.29 19.78
C ASN B 19 1.00 31.95 20.75
N GLY B 20 1.23 30.96 21.59
CA GLY B 20 0.22 30.55 22.55
C GLY B 20 0.05 31.51 23.71
N THR B 21 -0.12 32.79 23.42
CA THR B 21 -0.31 33.80 24.47
C THR B 21 -0.25 35.22 23.92
N THR B 22 -0.16 35.36 22.60
CA THR B 22 -0.07 36.68 22.00
C THR B 22 -0.66 36.77 20.59
N VAL B 23 -1.67 37.63 20.42
CA VAL B 23 -2.32 37.81 19.13
C VAL B 23 -1.83 39.09 18.48
N HIS B 24 -1.74 39.10 17.15
CA HIS B 24 -1.28 40.27 16.42
C HIS B 24 -2.41 40.97 15.70
N LEU B 25 -2.26 42.27 15.50
CA LEU B 25 -3.24 43.08 14.82
C LEU B 25 -2.51 43.93 13.80
N ARG B 26 -3.10 44.09 12.61
CA ARG B 26 -2.50 44.88 11.55
C ARG B 26 -3.59 45.52 10.68
N ILE B 27 -3.69 46.85 10.75
CA ILE B 27 -4.70 47.57 9.98
C ILE B 27 -4.04 48.46 8.94
N ARG B 28 -4.62 48.48 7.74
CA ARG B 28 -4.09 49.29 6.65
C ARG B 28 -4.57 50.72 6.82
N THR B 29 -3.84 51.66 6.21
CA THR B 29 -4.18 53.09 6.29
C THR B 29 -3.48 53.84 5.17
N LYS B 30 -4.06 54.97 4.76
CA LYS B 30 -3.47 55.75 3.68
C LYS B 30 -2.11 56.34 3.99
N LYS B 31 -1.20 56.16 3.04
CA LYS B 31 0.18 56.65 3.10
C LYS B 31 0.54 57.37 4.41
N ASP B 32 0.10 58.62 4.55
CA ASP B 32 0.39 59.39 5.75
C ASP B 32 -0.87 60.07 6.24
N ASP B 33 -1.97 59.33 6.21
CA ASP B 33 -3.27 59.84 6.61
C ASP B 33 -3.57 59.74 8.10
N MET B 34 -2.62 59.21 8.87
CA MET B 34 -2.83 59.07 10.31
C MET B 34 -1.62 59.50 11.15
N THR B 35 -1.83 59.52 12.47
CA THR B 35 -0.79 59.90 13.41
C THR B 35 -0.44 58.70 14.29
N ALA B 36 -1.45 57.92 14.63
CA ALA B 36 -1.27 56.73 15.46
C ALA B 36 -2.57 55.94 15.51
N VAL B 37 -2.47 54.63 15.37
CA VAL B 37 -3.65 53.79 15.41
C VAL B 37 -3.59 52.95 16.67
N TYR B 38 -4.69 52.99 17.43
CA TYR B 38 -4.77 52.24 18.67
C TYR B 38 -5.94 51.28 18.63
N ALA B 39 -5.74 50.11 19.21
CA ALA B 39 -6.78 49.10 19.26
C ALA B 39 -7.36 49.04 20.67
N LEU B 40 -8.59 48.56 20.77
CA LEU B 40 -9.22 48.44 22.07
C LEU B 40 -9.25 46.98 22.48
N ALA B 41 -8.26 46.59 23.27
CA ALA B 41 -8.16 45.21 23.74
C ALA B 41 -8.79 45.04 25.11
N GLY B 42 -9.90 44.32 25.13
CA GLY B 42 -10.59 44.07 26.38
C GLY B 42 -11.32 42.74 26.31
N ASP B 43 -11.48 42.09 27.46
CA ASP B 43 -12.17 40.82 27.48
C ASP B 43 -13.67 41.06 27.41
N LYS B 44 -14.26 40.76 26.26
CA LYS B 44 -15.69 40.95 26.04
C LYS B 44 -16.52 40.31 27.15
N TYR B 45 -15.85 39.60 28.05
CA TYR B 45 -16.54 38.95 29.17
C TYR B 45 -16.34 39.73 30.45
N MET B 46 -15.78 40.93 30.33
CA MET B 46 -15.56 41.83 31.45
C MET B 46 -14.89 43.08 30.89
N TRP B 47 -15.44 43.53 29.77
CA TRP B 47 -14.99 44.71 29.04
C TRP B 47 -14.20 45.74 29.83
N ASP B 48 -14.90 46.76 30.32
CA ASP B 48 -14.30 47.87 31.06
C ASP B 48 -12.97 47.61 31.75
N HIS B 49 -12.98 46.85 32.85
CA HIS B 49 -11.75 46.58 33.58
C HIS B 49 -10.72 45.80 32.76
N THR B 50 -10.99 45.63 31.47
CA THR B 50 -10.09 44.93 30.57
C THR B 50 -9.78 45.84 29.39
N MET B 51 -10.81 46.53 28.90
CA MET B 51 -10.66 47.43 27.77
C MET B 51 -9.44 48.31 27.93
N GLU B 52 -8.76 48.59 26.83
CA GLU B 52 -7.58 49.43 26.83
C GLU B 52 -7.14 49.77 25.42
N TYR B 53 -6.55 50.96 25.26
CA TYR B 53 -6.11 51.41 23.96
C TYR B 53 -4.69 50.95 23.70
N VAL B 54 -4.56 49.95 22.84
CA VAL B 54 -3.24 49.43 22.53
C VAL B 54 -2.55 50.22 21.42
N PRO B 55 -1.36 50.74 21.72
CA PRO B 55 -0.58 51.54 20.76
C PRO B 55 -0.12 50.65 19.63
N MET B 56 0.02 51.22 18.45
CA MET B 56 0.45 50.44 17.31
C MET B 56 1.64 51.10 16.60
N THR B 57 2.48 50.26 16.00
CA THR B 57 3.68 50.73 15.29
C THR B 57 3.56 50.45 13.80
N LYS B 58 3.30 51.47 12.99
CA LYS B 58 3.17 51.27 11.55
C LYS B 58 4.34 50.45 11.04
N LEU B 59 4.02 49.25 10.57
CA LEU B 59 4.99 48.28 10.08
C LEU B 59 5.78 48.66 8.84
N ALA B 60 5.14 48.58 7.68
CA ALA B 60 5.80 48.89 6.43
C ALA B 60 5.09 49.97 5.65
N THR B 61 5.30 49.99 4.34
CA THR B 61 4.68 50.97 3.45
C THR B 61 4.90 50.62 1.98
N ASP B 62 3.82 50.51 1.22
CA ASP B 62 3.95 50.23 -0.20
C ASP B 62 3.71 51.54 -0.95
N GLU B 63 3.21 51.46 -2.17
CA GLU B 63 2.98 52.67 -2.94
C GLU B 63 1.97 53.64 -2.32
N LEU B 64 0.99 53.12 -1.59
CA LEU B 64 -0.03 54.00 -1.02
C LEU B 64 -0.53 53.71 0.40
N PHE B 65 0.01 52.70 1.06
CA PHE B 65 -0.46 52.38 2.40
C PHE B 65 0.58 52.51 3.49
N ASP B 66 0.13 52.36 4.74
CA ASP B 66 1.02 52.45 5.90
C ASP B 66 1.14 51.10 6.62
N TYR B 67 0.01 50.44 6.88
CA TYR B 67 0.04 49.15 7.57
C TYR B 67 0.64 49.32 8.98
N TRP B 68 -0.24 49.40 9.97
CA TRP B 68 0.16 49.57 11.36
C TRP B 68 0.20 48.25 12.15
N GLU B 69 1.33 47.99 12.79
CA GLU B 69 1.56 46.77 13.58
C GLU B 69 0.97 46.88 14.98
N CYS B 70 0.38 45.79 15.46
CA CYS B 70 -0.22 45.78 16.79
C CYS B 70 -0.16 44.41 17.46
N GLU B 71 0.37 44.38 18.67
CA GLU B 71 0.49 43.15 19.43
C GLU B 71 -0.34 43.27 20.70
N VAL B 72 -0.78 42.13 21.23
CA VAL B 72 -1.58 42.11 22.45
C VAL B 72 -1.52 40.73 23.09
N THR B 73 -1.25 40.71 24.40
CA THR B 73 -1.16 39.46 25.14
C THR B 73 -2.27 39.41 26.19
N PRO B 74 -3.54 39.38 25.73
CA PRO B 74 -4.71 39.34 26.60
C PRO B 74 -4.70 38.23 27.61
N PRO B 75 -5.13 38.53 28.84
CA PRO B 75 -5.17 37.53 29.90
C PRO B 75 -6.35 36.63 29.59
N TYR B 76 -6.49 35.54 30.35
CA TYR B 76 -7.62 34.65 30.11
C TYR B 76 -7.61 34.18 28.67
N ARG B 77 -6.47 34.38 28.01
CA ARG B 77 -6.26 33.97 26.63
C ARG B 77 -7.25 34.46 25.57
N ARG B 78 -8.06 35.46 25.86
CA ARG B 78 -8.99 35.94 24.83
C ARG B 78 -9.34 37.42 24.90
N VAL B 79 -9.71 37.98 23.75
CA VAL B 79 -10.05 39.39 23.67
C VAL B 79 -10.79 39.83 22.40
N LYS B 80 -11.66 40.82 22.58
CA LYS B 80 -12.46 41.42 21.52
C LYS B 80 -11.70 42.71 21.23
N TYR B 81 -11.95 43.37 20.10
CA TYR B 81 -11.21 44.59 19.82
C TYR B 81 -11.71 45.48 18.70
N GLY B 82 -11.27 46.73 18.76
CA GLY B 82 -11.62 47.73 17.77
C GLY B 82 -10.43 48.67 17.63
N PHE B 83 -10.53 49.65 16.73
CA PHE B 83 -9.43 50.59 16.53
C PHE B 83 -9.87 52.04 16.59
N LEU B 84 -8.99 52.93 17.04
CA LEU B 84 -9.31 54.34 17.17
C LEU B 84 -8.84 55.24 16.03
N LEU B 85 -7.65 54.97 15.48
CA LEU B 85 -7.12 55.80 14.39
C LEU B 85 -7.00 57.23 14.90
N GLN B 86 -6.50 58.12 14.05
CA GLN B 86 -6.36 59.52 14.44
C GLN B 86 -5.49 60.36 13.52
N GLN B 87 -5.96 61.57 13.23
CA GLN B 87 -5.21 62.50 12.40
C GLN B 87 -4.99 63.76 13.22
N GLY B 88 -3.94 63.74 14.05
CA GLY B 88 -3.66 64.89 14.88
C GLY B 88 -4.73 65.03 15.93
N HIS B 89 -5.87 65.60 15.53
CA HIS B 89 -7.01 65.77 16.44
C HIS B 89 -8.09 64.76 16.13
N GLU B 90 -8.85 65.04 15.08
CA GLU B 90 -9.94 64.17 14.64
C GLU B 90 -9.54 62.71 14.84
N LYS B 91 -10.34 61.98 15.62
CA LYS B 91 -10.06 60.59 15.89
C LYS B 91 -11.30 59.69 15.82
N ARG B 92 -11.87 59.56 14.63
CA ARG B 92 -13.05 58.72 14.44
C ARG B 92 -12.71 57.28 14.86
N TRP B 93 -13.71 56.50 15.27
CA TRP B 93 -13.50 55.13 15.74
C TRP B 93 -13.98 54.08 14.75
N MET B 94 -13.40 52.87 14.81
CA MET B 94 -13.74 51.82 13.87
C MET B 94 -14.20 50.47 14.43
N THR B 95 -15.20 49.88 13.79
CA THR B 95 -15.76 48.58 14.16
C THR B 95 -16.18 47.80 12.91
N GLU B 96 -16.82 46.66 13.11
CA GLU B 96 -17.28 45.84 11.98
C GLU B 96 -18.60 46.37 11.43
N TYR B 97 -19.16 47.36 12.13
CA TYR B 97 -20.42 47.98 11.74
C TYR B 97 -20.30 49.39 11.21
N ASP B 98 -19.92 50.32 12.09
CA ASP B 98 -19.80 51.72 11.71
C ASP B 98 -18.53 52.41 12.20
N PHE B 99 -18.33 53.65 11.74
CA PHE B 99 -17.17 54.46 12.12
C PHE B 99 -17.64 55.52 13.10
N LEU B 100 -17.62 55.17 14.39
CA LEU B 100 -18.07 56.08 15.44
C LEU B 100 -17.20 57.32 15.55
N THR B 101 -17.68 58.30 16.32
CA THR B 101 -16.96 59.54 16.52
C THR B 101 -16.27 59.52 17.87
N GLU B 102 -16.91 58.92 18.86
CA GLU B 102 -16.35 58.86 20.20
C GLU B 102 -16.40 57.40 20.65
N PRO B 103 -15.69 57.06 21.74
CA PRO B 103 -15.67 55.69 22.26
C PRO B 103 -16.98 54.92 22.12
N PRO B 104 -16.89 53.62 21.80
CA PRO B 104 -18.06 52.75 21.64
C PRO B 104 -18.70 52.54 23.01
N ALA B 105 -20.01 52.35 23.03
CA ALA B 105 -20.70 52.15 24.29
C ALA B 105 -20.28 50.83 24.94
N ASN B 106 -19.91 49.87 24.11
CA ASN B 106 -19.50 48.56 24.61
C ASN B 106 -18.90 47.72 23.48
N PRO B 107 -18.49 46.48 23.79
CA PRO B 107 -17.90 45.58 22.80
C PRO B 107 -18.89 44.61 22.17
N ASP B 108 -19.36 44.94 20.97
CA ASP B 108 -20.31 44.07 20.28
C ASP B 108 -20.00 44.09 18.80
N ARG B 109 -20.22 45.24 18.18
CA ARG B 109 -19.95 45.41 16.76
C ARG B 109 -18.44 45.41 16.54
N LEU B 110 -17.71 44.92 17.54
CA LEU B 110 -16.26 44.87 17.45
C LEU B 110 -15.79 43.54 16.89
N PHE B 111 -14.57 43.52 16.36
CA PHE B 111 -13.99 42.31 15.80
C PHE B 111 -13.65 41.48 17.02
N GLU B 112 -12.80 40.46 16.84
CA GLU B 112 -12.40 39.62 17.95
C GLU B 112 -11.59 38.41 17.60
N TYR B 113 -10.87 37.92 18.60
CA TYR B 113 -10.08 36.70 18.51
C TYR B 113 -10.67 35.93 19.68
N PRO B 114 -11.95 35.52 19.56
CA PRO B 114 -12.73 34.77 20.55
C PRO B 114 -11.94 34.06 21.63
N PHE B 115 -10.95 33.27 21.22
CA PHE B 115 -10.11 32.54 22.16
C PHE B 115 -8.92 31.90 21.45
N ILE B 116 -7.73 32.14 21.98
CA ILE B 116 -6.52 31.59 21.38
C ILE B 116 -6.36 30.11 21.65
N ASN B 117 -7.17 29.28 21.00
CA ASN B 117 -7.08 27.84 21.19
C ASN B 117 -5.70 27.44 20.67
N PRO B 118 -4.76 27.19 21.58
CA PRO B 118 -3.40 26.80 21.18
C PRO B 118 -3.32 25.73 20.09
N VAL B 119 -4.31 24.85 20.03
CA VAL B 119 -4.32 23.80 19.02
C VAL B 119 -4.34 24.39 17.61
N ASP B 120 -4.80 25.64 17.49
CA ASP B 120 -4.86 26.31 16.20
C ASP B 120 -3.86 27.45 16.08
N VAL B 121 -2.84 27.47 16.95
CA VAL B 121 -1.82 28.52 16.90
C VAL B 121 -0.73 28.15 15.92
N PHE B 122 -0.53 29.01 14.91
CA PHE B 122 0.47 28.76 13.87
C PHE B 122 1.85 28.49 14.45
N GLN B 123 2.22 27.21 14.44
CA GLN B 123 3.51 26.79 14.95
C GLN B 123 4.21 26.01 13.85
N PRO B 124 5.21 26.64 13.21
CA PRO B 124 5.97 26.01 12.12
C PRO B 124 7.34 25.52 12.61
N PRO B 125 8.10 24.85 11.73
CA PRO B 125 9.42 24.33 12.07
C PRO B 125 10.25 25.40 12.74
N ALA B 126 10.30 25.37 14.07
CA ALA B 126 11.05 26.34 14.85
C ALA B 126 12.52 26.43 14.44
N TRP B 127 12.93 25.62 13.46
CA TRP B 127 14.31 25.61 13.01
C TRP B 127 14.57 26.31 11.68
N VAL B 128 13.59 26.28 10.77
CA VAL B 128 13.80 26.92 9.48
C VAL B 128 14.10 28.41 9.60
N LYS B 129 13.80 29.00 10.74
CA LYS B 129 14.08 30.42 10.93
C LYS B 129 15.57 30.60 10.67
N ASP B 130 16.31 29.51 10.83
CA ASP B 130 17.75 29.47 10.58
C ASP B 130 17.95 28.33 9.61
N ALA B 131 18.03 28.65 8.33
CA ALA B 131 18.22 27.60 7.33
C ALA B 131 18.59 28.11 5.94
N ILE B 132 19.79 27.74 5.50
CA ILE B 132 20.29 28.11 4.18
C ILE B 132 19.97 26.94 3.27
N PHE B 133 19.42 27.22 2.10
CA PHE B 133 19.05 26.15 1.19
C PHE B 133 19.88 26.00 -0.06
N TYR B 134 20.15 24.74 -0.41
CA TYR B 134 20.91 24.40 -1.59
C TYR B 134 19.93 23.61 -2.46
N GLN B 135 19.81 24.01 -3.72
CA GLN B 135 18.89 23.36 -4.63
C GLN B 135 19.60 22.57 -5.73
N ILE B 136 19.43 21.25 -5.73
CA ILE B 136 20.10 20.41 -6.72
C ILE B 136 19.20 19.76 -7.77
N PHE B 137 19.72 19.66 -8.98
CA PHE B 137 19.03 19.02 -10.08
C PHE B 137 19.97 17.88 -10.48
N PRO B 138 19.86 16.74 -9.77
CA PRO B 138 20.67 15.53 -9.97
C PRO B 138 21.09 15.23 -11.41
N GLU B 139 20.12 15.02 -12.29
CA GLU B 139 20.42 14.70 -13.69
C GLU B 139 21.26 15.75 -14.40
N ARG B 140 21.79 16.70 -13.65
CA ARG B 140 22.63 17.75 -14.22
C ARG B 140 23.58 18.27 -13.13
N PHE B 141 23.95 17.38 -12.21
CA PHE B 141 24.84 17.77 -11.11
C PHE B 141 26.12 16.94 -11.03
N ALA B 142 25.97 15.62 -11.21
CA ALA B 142 27.10 14.69 -11.15
C ALA B 142 26.60 13.25 -11.32
N ASN B 143 27.38 12.43 -12.02
CA ASN B 143 27.02 11.04 -12.24
C ASN B 143 27.98 10.14 -11.48
N GLY B 144 27.53 9.62 -10.33
CA GLY B 144 28.38 8.76 -9.53
C GLY B 144 28.35 7.31 -9.94
N ASP B 145 27.87 7.01 -11.15
CA ASP B 145 27.80 5.64 -11.61
C ASP B 145 27.37 5.51 -13.06
N THR B 146 28.05 4.63 -13.80
CA THR B 146 27.76 4.40 -15.20
C THR B 146 26.32 3.93 -15.33
N ARG B 147 25.76 3.52 -14.20
CA ARG B 147 24.40 3.02 -14.14
C ARG B 147 23.41 4.20 -14.15
N ASN B 148 23.07 4.63 -15.36
CA ASN B 148 22.15 5.73 -15.57
C ASN B 148 21.22 5.53 -16.76
N ASP B 149 21.56 6.11 -17.92
CA ASP B 149 20.71 5.98 -19.10
C ASP B 149 21.43 5.64 -20.41
N PRO B 150 20.68 5.14 -21.41
CA PRO B 150 21.21 4.77 -22.72
C PRO B 150 21.92 5.90 -23.46
N GLU B 151 21.83 7.11 -22.92
CA GLU B 151 22.47 8.28 -23.53
C GLU B 151 22.96 9.30 -22.50
N GLY B 152 23.81 10.22 -22.93
CA GLY B 152 24.34 11.24 -22.05
C GLY B 152 25.85 11.22 -21.91
N THR B 153 26.49 12.37 -22.08
CA THR B 153 27.94 12.47 -21.97
C THR B 153 28.33 13.75 -21.23
N LEU B 154 28.74 14.77 -21.99
CA LEU B 154 29.13 16.05 -21.43
C LEU B 154 28.86 17.17 -22.44
N PRO B 155 28.64 18.40 -21.94
CA PRO B 155 28.35 19.62 -22.71
C PRO B 155 28.98 19.75 -24.11
N TRP B 156 28.46 20.73 -24.85
CA TRP B 156 28.92 21.03 -26.21
C TRP B 156 28.84 22.54 -26.46
N GLY B 157 27.74 23.01 -27.03
CA GLY B 157 27.58 24.43 -27.29
C GLY B 157 27.68 25.24 -26.01
N SER B 158 27.64 26.56 -26.11
CA SER B 158 27.75 27.41 -24.92
C SER B 158 26.47 28.18 -24.61
N ALA B 159 25.32 27.55 -24.82
CA ALA B 159 24.03 28.20 -24.55
C ALA B 159 22.89 27.20 -24.32
N ASP B 160 22.77 26.21 -25.20
CA ASP B 160 21.70 25.23 -25.09
C ASP B 160 22.15 23.78 -24.89
N PRO B 161 23.08 23.53 -23.96
CA PRO B 161 23.53 22.15 -23.73
C PRO B 161 22.40 21.39 -23.05
N THR B 162 21.16 21.71 -23.42
CA THR B 162 19.98 21.09 -22.84
C THR B 162 18.82 20.87 -23.80
N PRO B 163 18.88 19.79 -24.61
CA PRO B 163 17.77 19.55 -25.53
C PRO B 163 16.60 18.94 -24.76
N SER B 164 16.55 19.26 -23.47
CA SER B 164 15.51 18.75 -22.58
C SER B 164 15.55 17.22 -22.56
N CYS B 165 16.74 16.67 -22.36
CA CYS B 165 16.90 15.23 -22.35
C CYS B 165 18.01 14.74 -21.40
N PHE B 166 17.83 13.51 -20.90
CA PHE B 166 18.74 12.85 -19.98
C PHE B 166 20.24 13.11 -20.16
N PHE B 167 20.94 13.26 -19.03
CA PHE B 167 22.38 13.49 -19.01
C PHE B 167 23.07 12.24 -18.48
N GLY B 168 22.96 12.05 -17.17
CA GLY B 168 23.57 10.89 -16.53
C GLY B 168 23.49 10.99 -15.02
N GLY B 169 23.67 12.22 -14.51
CA GLY B 169 23.63 12.47 -13.08
C GLY B 169 22.78 11.51 -12.26
N ASP B 170 23.46 10.59 -11.56
CA ASP B 170 22.77 9.62 -10.72
C ASP B 170 22.54 10.28 -9.36
N LEU B 171 22.18 9.48 -8.35
CA LEU B 171 21.97 10.03 -7.03
C LEU B 171 23.31 10.01 -6.30
N GLN B 172 23.92 8.82 -6.22
CA GLN B 172 25.21 8.62 -5.57
C GLN B 172 26.07 9.87 -5.66
N GLY B 173 26.45 10.22 -6.90
CA GLY B 173 27.27 11.39 -7.13
C GLY B 173 27.10 12.47 -6.09
N VAL B 174 25.86 12.84 -5.82
CA VAL B 174 25.58 13.85 -4.81
C VAL B 174 26.41 13.52 -3.60
N ILE B 175 26.09 12.39 -2.95
CA ILE B 175 26.81 11.96 -1.77
C ILE B 175 28.30 12.23 -1.89
N ASP B 176 28.98 11.47 -2.74
CA ASP B 176 30.41 11.63 -2.93
C ASP B 176 30.80 13.11 -3.06
N HIS B 177 29.92 13.90 -3.63
CA HIS B 177 30.16 15.33 -3.82
C HIS B 177 29.59 16.19 -2.71
N LEU B 178 29.25 15.57 -1.59
CA LEU B 178 28.68 16.29 -0.45
C LEU B 178 29.55 17.44 0.06
N ASP B 179 30.71 17.11 0.61
CA ASP B 179 31.64 18.09 1.15
C ASP B 179 31.44 19.52 0.66
N HIS B 180 31.40 19.69 -0.66
CA HIS B 180 31.21 21.01 -1.27
C HIS B 180 30.21 21.84 -0.47
N LEU B 181 29.09 21.22 -0.12
CA LEU B 181 28.05 21.89 0.64
C LEU B 181 28.62 22.45 1.93
N SER B 182 29.24 21.59 2.72
CA SER B 182 29.84 22.03 3.97
C SER B 182 30.95 23.01 3.63
N LYS B 183 31.47 22.89 2.41
CA LYS B 183 32.53 23.78 1.94
C LYS B 183 31.89 25.13 1.68
N LEU B 184 30.56 25.15 1.68
CA LEU B 184 29.81 26.36 1.44
C LEU B 184 29.24 26.84 2.78
N GLY B 185 28.60 25.93 3.51
CA GLY B 185 28.02 26.26 4.80
C GLY B 185 26.51 26.21 4.76
N VAL B 186 25.97 25.48 3.79
CA VAL B 186 24.53 25.34 3.61
C VAL B 186 23.89 24.32 4.56
N ASN B 187 22.57 24.37 4.69
CA ASN B 187 21.82 23.45 5.54
C ASN B 187 20.96 22.49 4.75
N ALA B 188 19.79 22.97 4.33
CA ALA B 188 18.86 22.16 3.56
C ALA B 188 19.33 21.99 2.14
N VAL B 189 18.81 20.95 1.49
CA VAL B 189 19.16 20.68 0.11
C VAL B 189 17.87 20.36 -0.64
N TYR B 190 17.27 21.39 -1.21
CA TYR B 190 16.04 21.22 -1.95
C TYR B 190 16.29 20.40 -3.20
N PHE B 191 15.70 19.22 -3.23
CA PHE B 191 15.83 18.31 -4.36
C PHE B 191 14.70 18.56 -5.34
N THR B 192 14.49 17.58 -6.21
CA THR B 192 13.44 17.65 -7.20
C THR B 192 12.77 16.29 -7.19
N PRO B 193 11.60 16.16 -7.83
CA PRO B 193 11.01 14.82 -7.80
C PRO B 193 12.06 13.90 -8.40
N LEU B 194 12.29 12.77 -7.75
CA LEU B 194 13.31 11.83 -8.21
C LEU B 194 12.84 10.38 -8.17
N PHE B 195 11.52 10.20 -8.23
CA PHE B 195 10.93 8.87 -8.21
C PHE B 195 10.68 8.43 -9.65
N LYS B 196 10.18 7.21 -9.82
CA LYS B 196 9.91 6.69 -11.15
C LYS B 196 9.12 7.65 -12.03
N ALA B 197 9.83 8.33 -12.92
CA ALA B 197 9.23 9.30 -13.83
C ALA B 197 10.03 9.36 -15.13
N THR B 198 9.60 8.60 -16.13
CA THR B 198 10.29 8.58 -17.41
C THR B 198 10.30 9.94 -18.10
N THR B 199 11.21 10.81 -17.67
CA THR B 199 11.34 12.15 -18.22
C THR B 199 12.63 12.81 -17.74
N ASN B 200 13.26 13.58 -18.63
CA ASN B 200 14.51 14.27 -18.27
C ASN B 200 14.27 15.06 -16.99
N HIS B 201 13.03 15.49 -16.80
CA HIS B 201 12.61 16.21 -15.61
C HIS B 201 11.57 15.28 -14.98
N LYS B 202 11.89 14.75 -13.82
CA LYS B 202 11.00 13.79 -13.16
C LYS B 202 9.64 14.25 -12.68
N TYR B 203 8.74 14.52 -13.61
CA TYR B 203 7.38 14.94 -13.27
C TYR B 203 6.38 13.99 -13.92
N ASP B 204 6.88 13.16 -14.83
CA ASP B 204 6.05 12.17 -15.51
C ASP B 204 5.74 11.07 -14.50
N THR B 205 6.09 11.33 -13.24
CA THR B 205 5.89 10.39 -12.14
C THR B 205 4.92 9.24 -12.45
N GLU B 206 5.45 8.03 -12.35
CA GLU B 206 4.70 6.82 -12.63
C GLU B 206 4.72 5.88 -11.42
N ASP B 207 5.61 6.14 -10.48
CA ASP B 207 5.75 5.33 -9.27
C ASP B 207 6.57 6.08 -8.24
N TYR B 208 5.89 6.70 -7.27
CA TYR B 208 6.55 7.47 -6.23
C TYR B 208 7.40 6.59 -5.33
N PHE B 209 6.74 5.65 -4.64
CA PHE B 209 7.45 4.75 -3.74
C PHE B 209 8.73 4.21 -4.37
N GLN B 210 8.68 3.99 -5.68
CA GLN B 210 9.84 3.47 -6.41
C GLN B 210 10.64 4.63 -7.00
N ILE B 211 11.72 5.01 -6.32
CA ILE B 211 12.57 6.08 -6.81
C ILE B 211 12.93 5.74 -8.25
N ASP B 212 13.14 6.75 -9.10
CA ASP B 212 13.52 6.45 -10.47
C ASP B 212 14.91 5.84 -10.35
N PRO B 213 15.08 4.58 -10.80
CA PRO B 213 16.38 3.92 -10.71
C PRO B 213 17.54 4.64 -11.41
N GLN B 214 17.29 5.83 -11.93
CA GLN B 214 18.36 6.58 -12.58
C GLN B 214 19.22 7.20 -11.48
N PHE B 215 18.75 7.07 -10.25
CA PHE B 215 19.47 7.62 -9.11
C PHE B 215 19.71 6.52 -8.07
N GLY B 216 18.80 5.57 -7.99
CA GLY B 216 18.94 4.48 -7.05
C GLY B 216 17.63 4.03 -6.39
N ASP B 217 17.77 3.28 -5.29
CA ASP B 217 16.62 2.78 -4.55
C ASP B 217 16.42 3.65 -3.30
N LYS B 218 15.43 3.30 -2.48
CA LYS B 218 15.18 4.09 -1.29
C LYS B 218 16.40 4.07 -0.36
N ASP B 219 17.14 2.98 -0.38
CA ASP B 219 18.33 2.88 0.45
C ASP B 219 19.37 3.90 0.00
N THR B 220 19.78 3.80 -1.26
CA THR B 220 20.76 4.72 -1.81
C THR B 220 20.44 6.14 -1.35
N LEU B 221 19.15 6.47 -1.28
CA LEU B 221 18.73 7.80 -0.84
C LEU B 221 18.73 7.90 0.69
N LYS B 222 18.18 6.88 1.34
CA LYS B 222 18.13 6.84 2.80
C LYS B 222 19.53 7.17 3.28
N LYS B 223 20.44 6.28 2.95
CA LYS B 223 21.84 6.45 3.33
C LYS B 223 22.24 7.91 3.19
N LEU B 224 21.87 8.52 2.07
CA LEU B 224 22.22 9.92 1.86
C LEU B 224 21.73 10.84 2.96
N VAL B 225 20.41 10.89 3.16
CA VAL B 225 19.86 11.74 4.20
C VAL B 225 20.66 11.57 5.50
N ASP B 226 20.68 10.35 6.01
CA ASP B 226 21.42 10.07 7.24
C ASP B 226 22.87 10.52 7.09
N LEU B 227 23.40 10.42 5.88
CA LEU B 227 24.76 10.84 5.61
C LEU B 227 24.92 12.33 5.73
N CYS B 228 24.02 13.07 5.09
CA CYS B 228 24.05 14.52 5.13
C CYS B 228 23.61 15.01 6.49
N HIS B 229 22.55 14.41 7.03
CA HIS B 229 22.09 14.81 8.34
C HIS B 229 23.32 14.76 9.24
N GLU B 230 24.11 13.70 9.04
CA GLU B 230 25.34 13.48 9.80
C GLU B 230 26.29 14.66 9.65
N ARG B 231 26.03 15.51 8.65
CA ARG B 231 26.84 16.68 8.40
C ARG B 231 26.03 17.93 8.74
N GLY B 232 24.93 17.72 9.45
CA GLY B 232 24.07 18.84 9.82
C GLY B 232 23.42 19.48 8.61
N ILE B 233 22.91 18.63 7.72
CA ILE B 233 22.25 19.09 6.50
C ILE B 233 20.85 18.50 6.36
N ARG B 234 19.83 19.30 6.67
CA ARG B 234 18.47 18.81 6.55
C ARG B 234 18.13 18.60 5.09
N VAL B 235 17.16 17.73 4.81
CA VAL B 235 16.79 17.43 3.43
C VAL B 235 15.30 17.43 3.13
N LEU B 236 14.95 18.03 2.00
CA LEU B 236 13.57 18.08 1.56
C LEU B 236 13.55 17.40 0.22
N LEU B 237 12.39 16.91 -0.19
CA LEU B 237 12.26 16.24 -1.47
C LEU B 237 11.07 16.86 -2.16
N ASP B 238 11.15 17.07 -3.46
CA ASP B 238 10.02 17.64 -4.16
C ASP B 238 8.88 16.63 -4.19
N ALA B 239 7.66 17.12 -4.01
CA ALA B 239 6.50 16.25 -4.03
C ALA B 239 5.53 16.75 -5.07
N VAL B 240 5.29 15.93 -6.09
CA VAL B 240 4.38 16.29 -7.17
C VAL B 240 3.08 15.52 -7.02
N PHE B 241 2.08 16.14 -6.40
CA PHE B 241 0.81 15.44 -6.21
C PHE B 241 -0.31 15.88 -7.13
N ASN B 242 -0.45 17.19 -7.35
CA ASN B 242 -1.53 17.69 -8.19
C ASN B 242 -1.74 16.83 -9.42
N HIS B 243 -0.65 16.40 -10.05
CA HIS B 243 -0.75 15.58 -11.24
C HIS B 243 0.32 14.50 -11.25
N SER B 244 0.11 13.50 -12.11
CA SER B 244 1.03 12.38 -12.26
C SER B 244 1.28 12.23 -13.76
N GLY B 245 2.14 11.29 -14.12
CA GLY B 245 2.42 11.07 -15.52
C GLY B 245 1.38 10.21 -16.22
N ARG B 246 1.55 10.03 -17.52
CA ARG B 246 0.64 9.20 -18.29
C ARG B 246 0.95 7.75 -17.98
N THR B 247 2.23 7.46 -17.77
CA THR B 247 2.70 6.12 -17.45
C THR B 247 2.21 5.68 -16.09
N PHE B 248 1.58 6.58 -15.35
CA PHE B 248 1.06 6.24 -14.03
C PHE B 248 0.05 5.11 -14.23
N PRO B 249 0.40 3.90 -13.78
CA PRO B 249 -0.44 2.70 -13.91
C PRO B 249 -1.94 2.92 -13.94
N PRO B 250 -2.50 3.60 -12.91
CA PRO B 250 -3.94 3.81 -12.95
C PRO B 250 -4.33 4.43 -14.29
N PHE B 251 -3.83 5.63 -14.53
CA PHE B 251 -4.09 6.33 -15.78
C PHE B 251 -3.84 5.40 -16.94
N VAL B 252 -2.74 4.66 -16.85
CA VAL B 252 -2.38 3.70 -17.88
C VAL B 252 -3.51 2.71 -18.08
N ASP B 253 -3.87 2.02 -17.00
CA ASP B 253 -4.93 1.02 -17.04
C ASP B 253 -6.16 1.59 -17.74
N VAL B 254 -6.27 2.91 -17.75
CA VAL B 254 -7.40 3.56 -18.38
C VAL B 254 -7.26 3.57 -19.90
N LEU B 255 -6.05 3.81 -20.39
CA LEU B 255 -5.80 3.84 -21.81
C LEU B 255 -6.15 2.51 -22.45
N LYS B 256 -6.58 1.56 -21.61
CA LYS B 256 -6.96 0.24 -22.08
C LYS B 256 -8.42 -0.07 -21.78
N ASN B 257 -8.72 -0.38 -20.52
CA ASN B 257 -10.09 -0.68 -20.12
C ASN B 257 -10.94 0.57 -20.24
N GLY B 258 -10.26 1.69 -20.50
CA GLY B 258 -10.93 2.96 -20.67
C GLY B 258 -12.29 3.18 -20.05
N GLU B 259 -13.30 3.32 -20.90
CA GLU B 259 -14.67 3.58 -20.48
C GLU B 259 -15.19 2.87 -19.24
N LYS B 260 -14.57 1.75 -18.87
CA LYS B 260 -15.02 1.03 -17.69
C LYS B 260 -14.00 1.05 -16.55
N SER B 261 -12.72 0.96 -16.89
CA SER B 261 -11.64 0.96 -15.90
C SER B 261 -11.97 1.82 -14.68
N LYS B 262 -12.30 1.15 -13.58
CA LYS B 262 -12.65 1.78 -12.32
C LYS B 262 -11.66 2.90 -11.93
N TYR B 263 -10.43 2.80 -12.43
CA TYR B 263 -9.41 3.80 -12.17
C TYR B 263 -9.78 5.15 -12.80
N LYS B 264 -10.93 5.18 -13.46
CA LYS B 264 -11.42 6.38 -14.11
C LYS B 264 -11.42 7.56 -13.15
N ASP B 265 -12.31 7.52 -12.17
CA ASP B 265 -12.44 8.59 -11.19
C ASP B 265 -11.17 8.91 -10.41
N TRP B 266 -10.01 8.60 -10.97
CA TRP B 266 -8.74 8.90 -10.32
C TRP B 266 -8.17 10.17 -10.89
N PHE B 267 -8.58 10.49 -12.10
CA PHE B 267 -8.13 11.69 -12.79
C PHE B 267 -9.33 12.49 -13.25
N HIS B 268 -9.24 13.81 -13.19
CA HIS B 268 -10.35 14.65 -13.64
C HIS B 268 -10.37 14.66 -15.17
N ILE B 269 -11.43 14.08 -15.74
CA ILE B 269 -11.57 14.00 -17.19
C ILE B 269 -12.77 14.80 -17.71
N ARG B 270 -12.59 15.46 -18.86
CA ARG B 270 -13.65 16.25 -19.47
C ARG B 270 -14.30 15.47 -20.62
N SER B 271 -13.71 14.34 -20.98
CA SER B 271 -14.22 13.50 -22.07
C SER B 271 -13.70 12.07 -21.93
N LEU B 272 -14.62 11.16 -21.62
CA LEU B 272 -14.30 9.74 -21.41
C LEU B 272 -13.17 9.20 -22.28
N PRO B 273 -13.16 9.51 -23.58
CA PRO B 273 -12.07 9.00 -24.43
C PRO B 273 -10.80 9.78 -24.16
N LEU B 274 -9.74 9.10 -23.76
CA LEU B 274 -8.48 9.78 -23.49
C LEU B 274 -7.66 9.96 -24.75
N GLU B 275 -7.87 11.10 -25.40
CA GLU B 275 -7.18 11.45 -26.64
C GLU B 275 -7.37 12.95 -26.87
N VAL B 276 -6.42 13.57 -27.55
CA VAL B 276 -6.51 15.01 -27.82
C VAL B 276 -6.55 15.33 -29.32
N VAL B 277 -5.92 14.45 -30.11
CA VAL B 277 -5.83 14.59 -31.58
C VAL B 277 -5.66 16.05 -32.01
N ASP B 278 -4.41 16.49 -32.04
CA ASP B 278 -4.03 17.86 -32.40
C ASP B 278 -4.86 18.97 -31.74
N GLY B 279 -4.39 19.41 -30.58
CA GLY B 279 -5.09 20.46 -29.86
C GLY B 279 -4.87 20.48 -28.37
N ILE B 280 -5.99 20.50 -27.65
CA ILE B 280 -6.01 20.56 -26.19
C ILE B 280 -6.43 19.24 -25.53
N PRO B 281 -5.77 18.86 -24.43
CA PRO B 281 -6.05 17.62 -23.70
C PRO B 281 -7.54 17.38 -23.45
N THR B 282 -7.92 16.10 -23.43
CA THR B 282 -9.31 15.68 -23.24
C THR B 282 -9.62 15.42 -21.77
N TYR B 283 -8.71 15.83 -20.89
CA TYR B 283 -8.87 15.65 -19.45
C TYR B 283 -8.04 16.70 -18.72
N ASP B 284 -8.47 17.06 -17.53
CA ASP B 284 -7.75 18.06 -16.75
C ASP B 284 -6.33 17.55 -16.49
N THR B 285 -5.36 18.23 -17.08
CA THR B 285 -3.95 17.86 -16.92
C THR B 285 -3.22 18.91 -16.11
N PHE B 286 -1.89 18.93 -16.23
CA PHE B 286 -1.06 19.91 -15.56
C PHE B 286 -1.59 21.27 -15.96
N ALA B 287 -1.55 21.51 -17.27
CA ALA B 287 -2.05 22.72 -17.88
C ALA B 287 -2.75 22.13 -19.09
N PHE B 288 -1.92 21.67 -20.02
CA PHE B 288 -2.38 21.03 -21.22
C PHE B 288 -1.29 20.02 -21.51
N GLU B 289 -0.40 19.86 -20.53
CA GLU B 289 0.70 18.92 -20.63
C GLU B 289 0.15 17.52 -20.84
N PRO B 290 0.32 16.97 -22.04
CA PRO B 290 -0.14 15.63 -22.45
C PRO B 290 0.18 14.51 -21.47
N LEU B 291 1.45 14.41 -21.09
CA LEU B 291 1.90 13.36 -20.18
C LEU B 291 2.06 13.85 -18.75
N MET B 292 0.96 14.27 -18.15
CA MET B 292 0.96 14.76 -16.77
C MET B 292 -0.46 14.85 -16.23
N PRO B 293 -1.21 13.76 -16.31
CA PRO B 293 -2.60 13.71 -15.84
C PRO B 293 -2.77 14.31 -14.45
N LYS B 294 -3.80 15.12 -14.28
CA LYS B 294 -4.08 15.74 -12.98
C LYS B 294 -4.79 14.74 -12.10
N LEU B 295 -4.21 14.44 -10.95
CA LEU B 295 -4.81 13.50 -10.03
C LEU B 295 -6.16 14.02 -9.56
N ASN B 296 -6.81 13.25 -8.70
CA ASN B 296 -8.10 13.62 -8.16
C ASN B 296 -8.14 13.38 -6.66
N THR B 297 -7.39 14.19 -5.92
CA THR B 297 -7.32 14.09 -4.45
C THR B 297 -8.66 14.40 -3.79
N GLU B 298 -9.74 13.94 -4.43
CA GLU B 298 -11.09 14.13 -3.93
C GLU B 298 -11.70 12.74 -3.86
N HIS B 299 -11.04 11.77 -4.50
CA HIS B 299 -11.47 10.38 -4.47
C HIS B 299 -10.69 9.82 -3.31
N PRO B 300 -11.38 9.29 -2.29
CA PRO B 300 -10.69 8.73 -1.13
C PRO B 300 -9.46 7.89 -1.48
N ASP B 301 -9.65 6.88 -2.32
CA ASP B 301 -8.55 6.00 -2.70
C ASP B 301 -7.34 6.77 -3.22
N VAL B 302 -7.58 7.79 -4.05
CA VAL B 302 -6.48 8.58 -4.59
C VAL B 302 -5.75 9.29 -3.47
N LYS B 303 -6.45 10.20 -2.79
CA LYS B 303 -5.84 10.94 -1.70
C LYS B 303 -5.01 10.02 -0.80
N GLU B 304 -5.69 9.08 -0.15
CA GLU B 304 -5.04 8.14 0.74
C GLU B 304 -3.70 7.68 0.20
N TYR B 305 -3.60 7.53 -1.12
CA TYR B 305 -2.36 7.09 -1.73
C TYR B 305 -1.22 8.08 -1.48
N LEU B 306 -1.30 9.23 -2.13
CA LEU B 306 -0.28 10.26 -1.99
C LEU B 306 0.10 10.44 -0.54
N LEU B 307 -0.91 10.49 0.32
CA LEU B 307 -0.68 10.64 1.75
C LEU B 307 0.20 9.51 2.25
N LYS B 308 -0.24 8.27 2.00
CA LYS B 308 0.52 7.10 2.45
C LYS B 308 1.94 7.20 1.90
N ALA B 309 2.11 8.00 0.85
CA ALA B 309 3.41 8.19 0.24
C ALA B 309 4.21 9.23 0.99
N ALA B 310 3.50 10.07 1.75
CA ALA B 310 4.14 11.13 2.52
C ALA B 310 4.80 10.56 3.77
N GLU B 311 3.98 10.05 4.68
CA GLU B 311 4.48 9.46 5.92
C GLU B 311 5.53 8.44 5.54
N TYR B 312 5.28 7.76 4.42
CA TYR B 312 6.20 6.76 3.90
C TYR B 312 7.59 7.33 3.80
N TRP B 313 7.83 8.15 2.78
CA TRP B 313 9.14 8.73 2.57
C TRP B 313 9.72 9.44 3.79
N ILE B 314 8.85 9.89 4.67
CA ILE B 314 9.30 10.57 5.88
C ILE B 314 10.04 9.56 6.73
N ARG B 315 9.33 8.52 7.11
CA ARG B 315 9.86 7.44 7.94
C ARG B 315 11.11 6.76 7.38
N GLU B 316 10.95 6.11 6.23
CA GLU B 316 12.04 5.39 5.58
C GLU B 316 13.34 6.18 5.44
N THR B 317 13.29 7.29 4.70
CA THR B 317 14.48 8.10 4.46
C THR B 317 14.81 9.05 5.62
N GLY B 318 13.80 9.43 6.40
CA GLY B 318 14.03 10.34 7.50
C GLY B 318 14.30 11.73 6.96
N ILE B 319 13.50 12.14 5.98
CA ILE B 319 13.64 13.45 5.36
C ILE B 319 13.05 14.51 6.27
N ASP B 320 13.01 15.75 5.79
CA ASP B 320 12.49 16.84 6.60
C ASP B 320 11.56 17.77 5.84
N GLY B 321 11.74 17.88 4.53
CA GLY B 321 10.90 18.78 3.77
C GLY B 321 10.22 18.20 2.55
N TRP B 322 9.03 18.73 2.27
CA TRP B 322 8.23 18.31 1.13
C TRP B 322 7.85 19.52 0.27
N ARG B 323 8.55 19.71 -0.85
CA ARG B 323 8.22 20.82 -1.75
C ARG B 323 6.99 20.32 -2.52
N LEU B 324 5.95 21.14 -2.56
CA LEU B 324 4.75 20.73 -3.25
C LEU B 324 4.60 21.40 -4.62
N ASP B 325 5.25 20.82 -5.63
CA ASP B 325 5.21 21.33 -7.00
C ASP B 325 3.78 21.71 -7.39
N VAL B 326 3.53 23.02 -7.54
CA VAL B 326 2.22 23.55 -7.91
C VAL B 326 1.18 23.28 -6.83
N ALA B 327 1.60 23.38 -5.58
CA ALA B 327 0.74 23.12 -4.43
C ALA B 327 -0.66 23.71 -4.46
N ASN B 328 -0.76 25.03 -4.69
CA ASN B 328 -2.04 25.72 -4.70
C ASN B 328 -3.13 25.02 -5.50
N GLU B 329 -2.73 24.34 -6.56
CA GLU B 329 -3.66 23.63 -7.43
C GLU B 329 -4.33 22.47 -6.70
N VAL B 330 -3.67 21.92 -5.70
CA VAL B 330 -4.22 20.82 -4.95
C VAL B 330 -5.20 21.36 -3.91
N SER B 331 -6.38 20.77 -3.87
CA SER B 331 -7.44 21.18 -2.94
C SER B 331 -6.92 21.39 -1.54
N HIS B 332 -7.46 22.40 -0.86
CA HIS B 332 -7.05 22.71 0.49
C HIS B 332 -7.25 21.48 1.34
N GLN B 333 -8.37 20.80 1.11
CA GLN B 333 -8.68 19.59 1.86
C GLN B 333 -7.44 18.73 1.99
N PHE B 334 -6.98 18.19 0.88
CA PHE B 334 -5.80 17.33 0.89
C PHE B 334 -4.70 17.97 1.71
N TRP B 335 -4.37 19.21 1.39
CA TRP B 335 -3.34 19.94 2.10
C TRP B 335 -3.64 20.03 3.60
N ARG B 336 -4.91 20.28 3.92
CA ARG B 336 -5.31 20.36 5.32
C ARG B 336 -4.91 19.09 6.04
N GLU B 337 -4.94 17.97 5.33
CA GLU B 337 -4.60 16.66 5.90
C GLU B 337 -3.13 16.33 5.74
N PHE B 338 -2.63 16.50 4.53
CA PHE B 338 -1.22 16.25 4.24
C PHE B 338 -0.41 16.73 5.42
N ARG B 339 -0.74 17.94 5.88
CA ARG B 339 -0.04 18.55 7.00
C ARG B 339 -0.05 17.63 8.21
N ARG B 340 -1.24 17.40 8.76
CA ARG B 340 -1.34 16.53 9.91
C ARG B 340 -0.53 15.29 9.58
N VAL B 341 -0.87 14.67 8.46
CA VAL B 341 -0.20 13.46 7.98
C VAL B 341 1.31 13.49 8.10
N VAL B 342 1.90 14.62 7.77
CA VAL B 342 3.35 14.74 7.83
C VAL B 342 3.82 15.07 9.25
N LYS B 343 3.36 16.20 9.79
CA LYS B 343 3.76 16.60 11.13
C LYS B 343 3.67 15.40 12.06
N GLN B 344 2.64 14.59 11.87
CA GLN B 344 2.48 13.39 12.68
C GLN B 344 3.82 12.66 12.60
N ALA B 345 4.21 12.31 11.38
CA ALA B 345 5.47 11.61 11.14
C ALA B 345 6.65 12.40 11.68
N ASN B 346 6.62 13.73 11.51
CA ASN B 346 7.71 14.57 11.99
C ASN B 346 7.21 15.81 12.69
N PRO B 347 7.62 16.02 13.96
CA PRO B 347 7.21 17.18 14.74
C PRO B 347 7.54 18.48 14.02
N ASP B 348 8.80 18.66 13.65
CA ASP B 348 9.24 19.87 12.98
C ASP B 348 9.71 19.69 11.54
N ALA B 349 8.76 19.55 10.62
CA ALA B 349 9.05 19.38 9.19
C ALA B 349 8.60 20.62 8.41
N TYR B 350 9.44 21.07 7.49
CA TYR B 350 9.17 22.25 6.67
C TYR B 350 8.26 21.93 5.50
N ILE B 351 7.27 22.80 5.26
CA ILE B 351 6.33 22.61 4.17
C ILE B 351 6.08 23.91 3.40
N LEU B 352 6.34 23.87 2.10
CA LEU B 352 6.16 25.01 1.21
C LEU B 352 5.73 24.51 -0.17
N GLY B 353 5.11 25.37 -0.97
CA GLY B 353 4.67 24.95 -2.29
C GLY B 353 5.01 25.86 -3.47
N GLU B 354 5.10 25.28 -4.65
CA GLU B 354 5.43 26.03 -5.88
C GLU B 354 4.28 26.96 -6.24
N VAL B 355 4.07 27.97 -5.41
CA VAL B 355 3.02 28.97 -5.63
C VAL B 355 3.63 30.32 -6.01
N TRP B 356 3.64 30.61 -7.29
CA TRP B 356 4.20 31.87 -7.78
C TRP B 356 3.54 33.07 -7.10
N HIS B 357 2.29 33.35 -7.47
CA HIS B 357 1.54 34.47 -6.92
C HIS B 357 1.31 34.41 -5.41
N GLU B 358 0.80 35.52 -4.86
CA GLU B 358 0.52 35.64 -3.44
C GLU B 358 -0.21 34.40 -2.93
N SER B 359 0.21 33.92 -1.75
CA SER B 359 -0.37 32.72 -1.18
C SER B 359 -0.77 32.84 0.29
N SER B 360 -1.66 33.78 0.59
CA SER B 360 -2.11 33.99 1.97
C SER B 360 -2.79 32.73 2.52
N ILE B 361 -4.02 32.47 2.07
CA ILE B 361 -4.81 31.33 2.51
C ILE B 361 -4.01 30.05 2.79
N TRP B 362 -2.97 29.81 1.99
CA TRP B 362 -2.16 28.62 2.16
C TRP B 362 -1.11 28.77 3.25
N LEU B 363 -1.26 29.77 4.10
CA LEU B 363 -0.29 29.98 5.18
C LEU B 363 -0.95 30.47 6.44
N GLU B 364 -2.10 29.93 6.78
CA GLU B 364 -2.78 30.35 7.98
C GLU B 364 -2.37 29.51 9.19
N GLY B 365 -1.97 28.27 8.95
CA GLY B 365 -1.56 27.41 10.04
C GLY B 365 -1.97 25.95 9.87
N ASP B 366 -2.77 25.69 8.85
CA ASP B 366 -3.23 24.35 8.58
C ASP B 366 -2.79 23.88 7.20
N GLN B 367 -1.62 24.34 6.77
CA GLN B 367 -1.07 23.98 5.48
C GLN B 367 0.43 24.25 5.46
N PHE B 368 0.97 24.52 4.27
CA PHE B 368 2.40 24.77 4.13
C PHE B 368 2.88 25.78 5.16
N ASP B 369 3.94 25.45 5.87
CA ASP B 369 4.47 26.35 6.88
C ASP B 369 4.73 27.69 6.21
N ALA B 370 5.30 27.64 5.01
CA ALA B 370 5.59 28.83 4.24
C ALA B 370 5.37 28.49 2.77
N VAL B 371 5.87 29.33 1.87
CA VAL B 371 5.72 29.06 0.45
C VAL B 371 6.97 29.40 -0.33
N MET B 372 7.04 28.90 -1.55
CA MET B 372 8.17 29.15 -2.43
C MET B 372 7.89 30.56 -2.93
N ASN B 373 8.23 31.54 -2.11
CA ASN B 373 8.00 32.95 -2.41
C ASN B 373 8.92 33.57 -3.44
N TYR B 374 8.38 33.76 -4.64
CA TYR B 374 9.09 34.37 -5.74
C TYR B 374 8.84 35.88 -5.68
N PRO B 375 7.69 36.30 -5.11
CA PRO B 375 7.40 37.74 -5.02
C PRO B 375 8.45 38.44 -4.20
N PHE B 376 9.51 37.69 -3.89
CA PHE B 376 10.67 38.19 -3.16
C PHE B 376 11.70 38.37 -4.25
N THR B 377 11.86 37.30 -5.02
CA THR B 377 12.79 37.29 -6.13
C THR B 377 12.57 38.56 -6.95
N ASN B 378 11.45 38.58 -7.67
CA ASN B 378 11.08 39.73 -8.48
C ASN B 378 11.37 41.01 -7.72
N ALA B 379 11.00 41.02 -6.44
CA ALA B 379 11.25 42.20 -5.63
C ALA B 379 12.73 42.53 -5.73
N VAL B 380 13.56 41.65 -5.20
CA VAL B 380 15.00 41.84 -5.21
C VAL B 380 15.54 42.12 -6.62
N LEU B 381 15.57 41.08 -7.45
CA LEU B 381 16.06 41.18 -8.82
C LEU B 381 15.79 42.56 -9.42
N ASP B 382 14.53 42.96 -9.42
CA ASP B 382 14.13 44.25 -9.97
C ASP B 382 14.99 45.40 -9.47
N PHE B 383 15.42 45.35 -8.21
CA PHE B 383 16.23 46.43 -7.70
C PHE B 383 17.73 46.25 -7.95
N PHE B 384 18.17 45.00 -8.08
CA PHE B 384 19.58 44.74 -8.31
C PHE B 384 19.85 44.13 -9.67
N ILE B 385 18.96 43.24 -10.10
CA ILE B 385 19.09 42.56 -11.38
C ILE B 385 18.35 43.27 -12.51
N HIS B 386 17.04 43.04 -12.58
CA HIS B 386 16.22 43.65 -13.61
C HIS B 386 16.41 45.16 -13.62
N GLN B 387 16.66 45.73 -12.45
CA GLN B 387 16.86 47.16 -12.28
C GLN B 387 15.70 47.95 -12.86
N ILE B 388 14.49 47.43 -12.62
CA ILE B 388 13.25 48.06 -13.09
C ILE B 388 12.72 48.95 -11.98
N ALA B 389 13.03 48.57 -10.75
CA ALA B 389 12.61 49.31 -9.57
C ALA B 389 13.70 50.30 -9.22
N ASP B 390 13.46 51.11 -8.19
CA ASP B 390 14.42 52.11 -7.79
C ASP B 390 14.25 52.54 -6.34
N ALA B 391 15.13 52.02 -5.50
CA ALA B 391 15.16 52.31 -4.07
C ALA B 391 13.92 53.00 -3.51
N GLU B 392 12.77 52.35 -3.64
CA GLU B 392 11.47 52.82 -3.15
C GLU B 392 10.44 51.89 -3.73
N LYS B 393 10.43 51.81 -5.05
CA LYS B 393 9.51 50.91 -5.74
C LYS B 393 9.85 49.56 -5.15
N PHE B 394 11.14 49.34 -4.95
CA PHE B 394 11.65 48.11 -4.36
C PHE B 394 11.17 48.11 -2.92
N SER B 395 11.75 48.95 -2.08
CA SER B 395 11.37 49.04 -0.68
C SER B 395 9.88 48.84 -0.50
N PHE B 396 9.10 49.70 -1.14
CA PHE B 396 7.64 49.63 -1.06
C PHE B 396 7.17 48.21 -1.29
N MET B 397 7.30 47.74 -2.53
CA MET B 397 6.87 46.40 -2.88
C MET B 397 7.46 45.36 -1.94
N LEU B 398 8.52 45.71 -1.22
CA LEU B 398 9.11 44.76 -0.30
C LEU B 398 8.43 44.90 1.05
N GLY B 399 8.15 46.15 1.43
CA GLY B 399 7.47 46.39 2.69
C GLY B 399 6.04 45.93 2.52
N LYS B 400 5.62 45.89 1.26
CA LYS B 400 4.26 45.46 0.94
C LYS B 400 4.18 43.98 1.27
N GLN B 401 5.01 43.19 0.61
CA GLN B 401 5.03 41.74 0.81
C GLN B 401 5.32 41.34 2.24
N LEU B 402 5.74 42.30 3.05
CA LEU B 402 6.05 42.05 4.45
C LEU B 402 4.81 42.08 5.34
N ALA B 403 4.02 43.14 5.22
CA ALA B 403 2.81 43.26 6.02
C ALA B 403 1.75 42.32 5.48
N GLY B 404 2.05 41.71 4.33
CA GLY B 404 1.12 40.78 3.72
C GLY B 404 0.88 39.51 4.49
N TYR B 405 1.95 38.88 4.97
CA TYR B 405 1.83 37.64 5.72
C TYR B 405 2.24 37.81 7.19
N PRO B 406 1.58 37.07 8.09
CA PRO B 406 1.88 37.13 9.53
C PRO B 406 3.35 36.92 9.89
N ARG B 407 3.79 37.60 10.93
CA ARG B 407 5.16 37.56 11.42
C ARG B 407 5.81 36.18 11.34
N GLN B 408 5.40 35.28 12.23
CA GLN B 408 5.97 33.94 12.25
C GLN B 408 5.78 33.25 10.91
N ALA B 409 4.94 33.83 10.07
CA ALA B 409 4.70 33.27 8.75
C ALA B 409 5.86 33.67 7.84
N SER B 410 6.03 34.98 7.67
CA SER B 410 7.10 35.49 6.82
C SER B 410 8.46 34.97 7.25
N GLU B 411 8.68 34.84 8.55
CA GLU B 411 9.95 34.34 9.07
C GLU B 411 10.32 33.11 8.25
N VAL B 412 9.43 32.12 8.30
CA VAL B 412 9.58 30.85 7.61
C VAL B 412 9.69 30.96 6.09
N MET B 413 9.07 31.99 5.52
CA MET B 413 9.09 32.18 4.08
C MET B 413 10.37 31.75 3.38
N PHE B 414 10.20 31.23 2.17
CA PHE B 414 11.30 30.74 1.35
C PHE B 414 11.71 31.78 0.33
N ASN B 415 12.92 32.31 0.46
CA ASN B 415 13.44 33.35 -0.45
C ASN B 415 14.49 32.85 -1.46
N LEU B 416 14.09 32.71 -2.72
CA LEU B 416 14.99 32.23 -3.75
C LEU B 416 15.25 33.26 -4.85
N LEU B 417 16.40 33.13 -5.52
CA LEU B 417 16.75 34.07 -6.59
C LEU B 417 16.79 33.43 -7.97
N ASP B 418 16.75 32.10 -8.00
CA ASP B 418 16.76 31.36 -9.25
C ASP B 418 16.37 29.92 -8.93
N SER B 419 15.82 29.21 -9.91
CA SER B 419 15.43 27.84 -9.66
C SER B 419 15.13 27.00 -10.90
N HIS B 420 14.59 25.82 -10.63
CA HIS B 420 14.21 24.87 -11.67
C HIS B 420 13.55 25.50 -12.88
N ASP B 421 12.30 25.94 -12.70
CA ASP B 421 11.49 26.52 -13.76
C ASP B 421 11.78 28.00 -14.08
N THR B 422 12.93 28.50 -13.65
CA THR B 422 13.30 29.88 -13.92
C THR B 422 14.48 29.95 -14.87
N ALA B 423 15.53 30.61 -14.43
CA ALA B 423 16.75 30.77 -15.21
C ALA B 423 17.87 30.98 -14.21
N ARG B 424 19.11 31.02 -14.71
CA ARG B 424 20.24 31.25 -13.82
C ARG B 424 20.12 32.68 -13.32
N LEU B 425 20.90 33.02 -12.30
CA LEU B 425 20.84 34.37 -11.78
C LEU B 425 21.73 35.27 -12.62
N LEU B 426 22.99 34.88 -12.81
CA LEU B 426 23.92 35.67 -13.59
C LEU B 426 23.57 35.68 -15.07
N THR B 427 22.43 35.10 -15.42
CA THR B 427 21.97 35.11 -16.80
C THR B 427 20.97 36.24 -16.88
N GLN B 428 20.04 36.24 -15.93
CA GLN B 428 19.02 37.29 -15.87
C GLN B 428 19.76 38.63 -15.86
N ALA B 429 20.97 38.59 -15.32
CA ALA B 429 21.84 39.76 -15.26
C ALA B 429 22.92 39.48 -16.27
N ASP B 430 22.87 40.17 -17.41
CA ASP B 430 23.84 39.99 -18.48
C ASP B 430 25.27 39.83 -17.98
N GLY B 431 25.60 38.59 -17.58
CA GLY B 431 26.93 38.29 -17.09
C GLY B 431 27.42 39.08 -15.90
N ASP B 432 27.05 40.36 -15.83
CA ASP B 432 27.47 41.24 -14.76
C ASP B 432 27.42 40.55 -13.40
N LYS B 433 28.58 40.10 -12.93
CA LYS B 433 28.69 39.43 -11.64
C LYS B 433 28.27 40.42 -10.56
N ARG B 434 28.83 41.62 -10.65
CA ARG B 434 28.56 42.71 -9.72
C ARG B 434 27.13 42.75 -9.21
N LYS B 435 26.20 43.13 -10.08
CA LYS B 435 24.79 43.22 -9.71
C LYS B 435 24.32 41.99 -8.93
N MET B 436 24.82 40.82 -9.29
CA MET B 436 24.43 39.59 -8.61
C MET B 436 24.78 39.66 -7.13
N LYS B 437 26.06 39.91 -6.85
CA LYS B 437 26.55 40.01 -5.48
C LYS B 437 25.48 40.54 -4.54
N LEU B 438 24.93 41.69 -4.90
CA LEU B 438 23.90 42.36 -4.10
C LEU B 438 22.77 41.46 -3.61
N ALA B 439 21.84 41.16 -4.51
CA ALA B 439 20.70 40.33 -4.18
C ALA B 439 21.11 39.23 -3.22
N VAL B 440 22.15 38.49 -3.59
CA VAL B 440 22.64 37.42 -2.75
C VAL B 440 22.83 37.99 -1.35
N LEU B 441 23.78 38.90 -1.23
CA LEU B 441 24.07 39.54 0.04
C LEU B 441 22.77 39.98 0.69
N PHE B 442 22.05 40.83 -0.01
CA PHE B 442 20.79 41.31 0.50
C PHE B 442 19.93 40.15 0.94
N GLN B 443 19.94 39.08 0.16
CA GLN B 443 19.15 37.89 0.44
C GLN B 443 19.48 37.27 1.79
N PHE B 444 20.76 37.07 2.05
CA PHE B 444 21.15 36.46 3.32
C PHE B 444 21.01 37.44 4.47
N THR B 445 21.34 38.70 4.23
CA THR B 445 21.19 39.70 5.27
C THR B 445 19.71 39.75 5.59
N TYR B 446 18.90 39.60 4.55
CA TYR B 446 17.46 39.60 4.70
C TYR B 446 17.04 38.34 5.44
N PHE B 447 15.81 38.32 5.95
CA PHE B 447 15.31 37.18 6.70
C PHE B 447 14.76 36.07 5.83
N GLY B 448 14.05 35.13 6.47
CA GLY B 448 13.49 34.01 5.75
C GLY B 448 14.62 33.06 5.40
N THR B 449 14.30 31.84 4.99
CA THR B 449 15.33 30.88 4.63
C THR B 449 15.78 31.17 3.20
N PRO B 450 17.06 31.51 3.00
CA PRO B 450 17.60 31.80 1.68
C PRO B 450 17.94 30.50 0.93
N CYS B 451 17.93 30.56 -0.40
CA CYS B 451 18.21 29.37 -1.18
C CYS B 451 18.94 29.69 -2.47
N ILE B 452 20.03 28.96 -2.70
CA ILE B 452 20.83 29.18 -3.88
C ILE B 452 20.85 28.03 -4.88
N TYR B 453 20.23 28.25 -6.02
CA TYR B 453 20.16 27.26 -7.08
C TYR B 453 21.57 26.72 -7.24
N TYR B 454 21.69 25.40 -7.24
CA TYR B 454 23.00 24.76 -7.37
C TYR B 454 23.85 25.41 -8.45
N GLY B 455 25.14 25.52 -8.19
CA GLY B 455 26.03 26.13 -9.15
C GLY B 455 26.09 27.64 -9.04
N ASP B 456 25.09 28.25 -8.41
CA ASP B 456 25.08 29.71 -8.27
C ASP B 456 26.42 30.18 -7.75
N GLU B 457 27.04 29.36 -6.91
CA GLU B 457 28.34 29.71 -6.35
C GLU B 457 29.44 29.66 -7.42
N VAL B 458 29.04 29.61 -8.69
CA VAL B 458 29.99 29.57 -9.80
C VAL B 458 29.50 30.39 -10.99
N GLY B 459 28.19 30.47 -11.16
CA GLY B 459 27.63 31.22 -12.27
C GLY B 459 27.58 30.34 -13.51
N LEU B 460 26.38 30.18 -14.07
CA LEU B 460 26.21 29.35 -15.25
C LEU B 460 25.52 30.10 -16.39
N ASP B 461 26.23 30.18 -17.52
CA ASP B 461 25.77 30.88 -18.72
C ASP B 461 24.58 30.21 -19.43
N GLY B 462 23.39 30.34 -18.86
CA GLY B 462 22.22 29.74 -19.47
C GLY B 462 20.95 30.59 -19.34
N GLY B 463 19.91 29.99 -18.77
CA GLY B 463 18.65 30.70 -18.61
C GLY B 463 17.58 30.28 -19.60
N HIS B 464 16.32 30.53 -19.25
CA HIS B 464 15.19 30.18 -20.12
C HIS B 464 15.14 28.66 -20.29
N ASP B 465 14.43 27.98 -19.39
CA ASP B 465 14.28 26.52 -19.41
C ASP B 465 14.22 25.98 -20.85
N PRO B 466 14.91 24.86 -21.12
CA PRO B 466 15.71 24.09 -20.17
C PRO B 466 17.12 24.67 -20.04
N GLY B 467 17.23 25.99 -20.15
CA GLY B 467 18.51 26.65 -20.04
C GLY B 467 19.29 26.28 -18.79
N CYS B 468 18.75 26.63 -17.63
CA CYS B 468 19.39 26.33 -16.36
C CYS B 468 19.30 24.87 -15.96
N ARG B 469 20.07 24.02 -16.66
CA ARG B 469 20.10 22.59 -16.40
C ARG B 469 21.50 22.05 -16.69
N LYS B 470 22.52 22.86 -16.40
CA LYS B 470 23.92 22.48 -16.64
C LYS B 470 24.47 21.53 -15.59
N CYS B 471 25.28 20.56 -16.02
CA CYS B 471 25.90 19.61 -15.11
C CYS B 471 26.85 20.45 -14.28
N MET B 472 26.50 20.69 -13.02
CA MET B 472 27.34 21.47 -12.12
C MET B 472 28.81 21.15 -12.36
N GLU B 473 29.56 22.14 -12.85
CA GLU B 473 30.96 21.94 -13.14
C GLU B 473 31.85 21.90 -11.91
N TRP B 474 32.87 21.06 -11.96
CA TRP B 474 33.82 20.91 -10.87
C TRP B 474 35.23 21.27 -11.34
N ASP B 475 35.30 21.78 -12.57
CA ASP B 475 36.56 22.19 -13.18
C ASP B 475 36.96 23.55 -12.58
N GLU B 476 37.62 23.50 -11.42
CA GLU B 476 38.06 24.71 -10.72
C GLU B 476 38.81 25.74 -11.57
N THR B 477 39.01 25.43 -12.84
CA THR B 477 39.70 26.35 -13.75
C THR B 477 38.71 27.40 -14.26
N LYS B 478 37.48 26.97 -14.51
CA LYS B 478 36.43 27.86 -14.98
C LYS B 478 35.71 28.45 -13.77
N HIS B 479 35.89 27.81 -12.61
CA HIS B 479 35.29 28.26 -11.36
C HIS B 479 35.63 29.71 -11.09
N ASP B 480 34.61 30.57 -11.04
CA ASP B 480 34.84 31.98 -10.75
C ASP B 480 34.98 32.11 -9.25
N LYS B 481 35.95 31.37 -8.72
CA LYS B 481 36.27 31.31 -7.31
C LYS B 481 35.89 32.60 -6.60
N ASP B 482 36.28 33.73 -7.19
CA ASP B 482 35.96 35.05 -6.63
C ASP B 482 34.54 35.07 -6.09
N LEU B 483 33.61 34.67 -6.93
CA LEU B 483 32.20 34.63 -6.60
C LEU B 483 31.94 33.63 -5.47
N PHE B 484 32.35 32.39 -5.69
CA PHE B 484 32.18 31.32 -4.71
C PHE B 484 32.62 31.74 -3.31
N ALA B 485 33.88 32.17 -3.19
CA ALA B 485 34.42 32.61 -1.91
C ALA B 485 33.43 33.56 -1.29
N PHE B 486 33.00 34.53 -2.09
CA PHE B 486 32.03 35.53 -1.65
C PHE B 486 30.85 34.81 -1.03
N TYR B 487 30.35 33.78 -1.70
CA TYR B 487 29.21 33.00 -1.21
C TYR B 487 29.51 32.44 0.17
N GLN B 488 30.69 31.83 0.31
CA GLN B 488 31.09 31.24 1.59
C GLN B 488 31.02 32.32 2.66
N THR B 489 31.67 33.44 2.39
CA THR B 489 31.71 34.57 3.32
C THR B 489 30.31 34.90 3.81
N VAL B 490 29.51 35.46 2.92
CA VAL B 490 28.12 35.84 3.21
C VAL B 490 27.52 35.03 4.36
N ILE B 491 27.19 33.78 4.07
CA ILE B 491 26.61 32.85 5.04
C ILE B 491 27.26 32.96 6.42
N ARG B 492 28.58 32.78 6.46
CA ARG B 492 29.33 32.83 7.71
C ARG B 492 28.83 33.95 8.62
N LEU B 493 28.27 34.98 8.00
CA LEU B 493 27.74 36.12 8.74
C LEU B 493 26.34 35.82 9.26
N ARG B 494 25.49 35.30 8.39
CA ARG B 494 24.13 34.98 8.77
C ARG B 494 24.15 34.02 9.96
N GLN B 495 24.74 32.84 9.76
CA GLN B 495 24.85 31.83 10.80
C GLN B 495 25.26 32.41 12.15
N ALA B 496 26.10 33.44 12.11
CA ALA B 496 26.61 34.07 13.32
C ALA B 496 25.72 35.13 13.99
N HIS B 497 25.22 36.08 13.22
CA HIS B 497 24.39 37.14 13.78
C HIS B 497 22.91 36.99 13.49
N ALA B 498 22.15 36.79 14.56
CA ALA B 498 20.69 36.62 14.46
C ALA B 498 20.05 37.71 13.62
N ALA B 499 20.39 38.96 13.92
CA ALA B 499 19.85 40.11 13.21
C ALA B 499 19.49 39.83 11.77
N LEU B 500 20.41 39.23 11.01
CA LEU B 500 20.16 38.94 9.60
C LEU B 500 19.11 37.85 9.40
N ARG B 501 18.64 37.30 10.51
CA ARG B 501 17.62 36.26 10.49
C ARG B 501 16.46 36.66 11.39
N THR B 502 16.77 36.90 12.66
CA THR B 502 15.78 37.28 13.64
C THR B 502 15.97 38.71 14.17
N GLY B 503 15.96 39.68 13.26
CA GLY B 503 16.11 41.07 13.66
C GLY B 503 15.22 42.00 12.86
N THR B 504 14.76 43.09 13.48
CA THR B 504 13.90 44.05 12.79
C THR B 504 14.63 44.58 11.56
N PHE B 505 13.86 45.07 10.59
CA PHE B 505 14.41 45.59 9.36
C PHE B 505 13.85 46.97 9.02
N LYS B 506 14.72 47.97 8.97
CA LYS B 506 14.28 49.33 8.66
C LYS B 506 15.07 49.90 7.49
N PHE B 507 14.38 50.58 6.59
CA PHE B 507 15.03 51.20 5.44
C PHE B 507 15.50 52.60 5.78
N LEU B 508 16.74 52.71 6.22
CA LEU B 508 17.30 54.01 6.57
C LEU B 508 17.21 54.92 5.36
N THR B 509 17.30 54.32 4.18
CA THR B 509 17.22 55.09 2.94
C THR B 509 16.63 54.28 1.79
N ALA B 510 16.02 55.00 0.86
CA ALA B 510 15.41 54.45 -0.33
C ALA B 510 14.83 55.65 -1.06
N GLU B 511 15.70 56.39 -1.74
CA GLU B 511 15.28 57.58 -2.47
C GLU B 511 14.50 57.23 -3.74
N LYS B 512 13.49 58.06 -4.04
CA LYS B 512 12.64 57.85 -5.21
C LYS B 512 13.40 57.58 -6.49
N ASN B 513 14.18 58.57 -6.94
CA ASN B 513 14.93 58.42 -8.18
C ASN B 513 16.30 57.83 -7.93
N SER B 514 16.42 57.09 -6.84
CA SER B 514 17.70 56.47 -6.47
C SER B 514 17.79 54.95 -6.64
N ARG B 515 19.03 54.46 -6.65
CA ARG B 515 19.33 53.04 -6.77
C ARG B 515 20.27 52.63 -5.63
N GLN B 516 20.37 53.48 -4.60
CA GLN B 516 21.24 53.22 -3.46
C GLN B 516 20.41 52.93 -2.22
N ILE B 517 20.86 51.95 -1.44
CA ILE B 517 20.14 51.54 -0.23
C ILE B 517 21.01 51.52 1.03
N ALA B 518 20.33 51.57 2.16
CA ALA B 518 20.98 51.53 3.47
C ALA B 518 19.95 51.10 4.50
N TYR B 519 19.98 49.82 4.88
CA TYR B 519 19.03 49.34 5.86
C TYR B 519 19.71 48.82 7.11
N LEU B 520 18.95 48.70 8.18
CA LEU B 520 19.48 48.26 9.46
C LEU B 520 18.65 47.14 10.07
N ARG B 521 19.34 46.11 10.57
CA ARG B 521 18.69 44.98 11.20
C ARG B 521 19.32 44.79 12.58
N GLU B 522 18.51 44.44 13.59
CA GLU B 522 19.06 44.29 14.93
C GLU B 522 18.32 43.29 15.82
N ASP B 523 19.09 42.55 16.62
CA ASP B 523 18.56 41.55 17.54
C ASP B 523 18.92 41.98 18.95
N ASP B 524 18.80 41.05 19.91
CA ASP B 524 19.10 41.37 21.30
C ASP B 524 20.57 41.14 21.68
N GLN B 525 21.47 41.54 20.77
CA GLN B 525 22.91 41.41 21.01
C GLN B 525 23.74 41.77 19.77
N ASP B 526 23.16 42.58 18.90
CA ASP B 526 23.82 43.05 17.68
C ASP B 526 22.97 44.03 16.87
N THR B 527 23.62 45.04 16.30
CA THR B 527 22.98 46.08 15.50
C THR B 527 23.84 46.43 14.29
N ILE B 528 23.45 45.94 13.11
CA ILE B 528 24.19 46.21 11.88
C ILE B 528 23.33 46.81 10.77
N LEU B 529 23.94 47.67 9.96
CA LEU B 529 23.23 48.32 8.86
C LEU B 529 23.82 48.00 7.51
N VAL B 530 23.24 47.02 6.83
CA VAL B 530 23.73 46.65 5.51
C VAL B 530 23.56 47.86 4.61
N VAL B 531 24.56 48.11 3.79
CA VAL B 531 24.52 49.24 2.88
C VAL B 531 24.91 48.80 1.47
N MET B 532 23.97 48.92 0.53
CA MET B 532 24.23 48.53 -0.85
C MET B 532 23.75 49.61 -1.81
N ASN B 533 24.12 49.50 -3.08
CA ASN B 533 23.69 50.49 -4.07
C ASN B 533 23.96 50.01 -5.49
N ASN B 534 22.90 49.91 -6.29
CA ASN B 534 23.04 49.47 -7.67
C ASN B 534 23.80 50.45 -8.55
N ASP B 535 23.69 51.74 -8.24
CA ASP B 535 24.35 52.76 -9.05
C ASP B 535 25.70 52.30 -9.59
N LYS B 536 25.94 52.62 -10.86
CA LYS B 536 27.15 52.26 -11.57
C LYS B 536 28.36 53.14 -11.24
N ALA B 537 28.20 54.07 -10.31
CA ALA B 537 29.29 54.96 -9.95
C ALA B 537 29.44 55.21 -8.45
N GLY B 538 29.18 54.19 -7.64
CA GLY B 538 29.29 54.36 -6.21
C GLY B 538 28.45 55.53 -5.74
N HIS B 539 28.97 56.32 -4.80
CA HIS B 539 28.23 57.49 -4.28
C HIS B 539 28.87 58.07 -3.03
N THR B 540 28.74 57.33 -1.92
CA THR B 540 29.25 57.72 -0.59
C THR B 540 28.08 58.17 0.29
N LEU B 541 27.26 57.20 0.69
CA LEU B 541 26.10 57.49 1.52
C LEU B 541 26.49 58.09 2.86
N THR B 542 25.66 59.00 3.33
CA THR B 542 25.88 59.65 4.62
C THR B 542 24.57 59.48 5.39
N LEU B 543 24.46 58.37 6.10
CA LEU B 543 23.25 58.06 6.84
C LEU B 543 23.36 58.25 8.36
N PRO B 544 22.25 58.68 8.99
CA PRO B 544 22.12 58.92 10.43
C PRO B 544 22.33 57.64 11.24
N VAL B 545 22.98 57.76 12.39
CA VAL B 545 23.23 56.61 13.23
C VAL B 545 23.20 56.97 14.72
N ARG B 546 23.46 55.97 15.56
CA ARG B 546 23.47 56.15 17.00
C ARG B 546 24.87 56.61 17.43
N HIS B 547 24.97 57.21 18.60
CA HIS B 547 26.25 57.75 19.07
C HIS B 547 26.91 57.03 20.24
N ALA B 548 26.14 56.77 21.30
CA ALA B 548 26.66 56.11 22.49
C ALA B 548 27.41 54.81 22.15
N GLN B 549 26.94 54.08 21.15
CA GLN B 549 27.60 52.84 20.74
C GLN B 549 28.98 53.15 20.16
N TRP B 550 29.91 52.21 20.31
CA TRP B 550 31.27 52.40 19.81
C TRP B 550 31.35 52.88 18.36
N THR B 551 31.23 51.96 17.42
CA THR B 551 31.32 52.34 16.01
C THR B 551 30.56 51.38 15.09
N HIS B 552 31.24 50.91 14.05
CA HIS B 552 30.66 49.98 13.07
C HIS B 552 31.81 49.37 12.26
N LEU B 553 31.61 48.16 11.74
CA LEU B 553 32.67 47.49 10.96
C LEU B 553 32.15 46.65 9.79
N TRP B 554 32.90 46.61 8.69
CA TRP B 554 32.53 45.79 7.53
C TRP B 554 33.03 44.41 7.94
N GLN B 555 32.77 43.38 7.14
CA GLN B 555 33.20 42.05 7.55
C GLN B 555 34.11 41.28 6.61
N ASP B 556 33.93 41.45 5.30
CA ASP B 556 34.79 40.75 4.35
C ASP B 556 36.24 41.14 4.63
N ASP B 557 36.41 41.92 5.70
CA ASP B 557 37.70 42.37 6.22
C ASP B 557 37.47 43.52 7.20
N VAL B 558 37.76 43.24 8.48
CA VAL B 558 37.59 44.22 9.55
C VAL B 558 38.27 45.58 9.28
N LEU B 559 37.50 46.66 9.42
CA LEU B 559 38.02 48.02 9.21
C LEU B 559 37.73 49.00 10.37
N THR B 560 38.55 50.06 10.44
CA THR B 560 38.44 51.11 11.47
C THR B 560 37.12 51.89 11.42
N ALA B 561 36.78 52.42 10.24
CA ALA B 561 35.57 53.25 10.01
C ALA B 561 34.96 53.85 11.28
N ALA B 562 35.77 54.61 12.01
CA ALA B 562 35.33 55.24 13.25
C ALA B 562 34.18 56.22 13.08
N HIS B 563 33.27 56.19 14.05
CA HIS B 563 32.11 57.06 14.06
C HIS B 563 32.46 58.51 13.71
N GLY B 564 32.64 59.36 14.71
CA GLY B 564 32.96 60.75 14.44
C GLY B 564 31.73 61.47 13.93
N GLN B 565 31.83 62.07 12.75
CA GLN B 565 30.73 62.79 12.10
C GLN B 565 29.50 63.00 12.99
N LEU B 566 28.44 62.27 12.66
CA LEU B 566 27.16 62.29 13.37
C LEU B 566 26.19 61.47 12.53
N THR B 567 26.43 61.46 11.22
CA THR B 567 25.57 60.72 10.31
C THR B 567 26.37 59.82 9.37
N VAL B 568 27.27 59.04 9.97
CA VAL B 568 28.14 58.09 9.26
C VAL B 568 28.28 58.28 7.77
N LYS B 569 29.45 58.75 7.35
CA LYS B 569 29.72 58.95 5.94
C LYS B 569 30.25 57.61 5.44
N LEU B 570 29.79 57.17 4.27
CA LEU B 570 30.22 55.88 3.72
C LEU B 570 30.47 55.86 2.21
N PRO B 571 31.74 55.75 1.79
CA PRO B 571 32.15 55.72 0.38
C PRO B 571 31.90 54.42 -0.41
N ALA B 572 30.96 53.60 0.04
CA ALA B 572 30.66 52.36 -0.68
C ALA B 572 30.80 52.70 -2.17
N TYR B 573 31.79 52.14 -2.82
CA TYR B 573 32.05 52.44 -4.22
C TYR B 573 31.10 51.84 -5.26
N GLY B 574 31.52 51.86 -6.51
CA GLY B 574 30.72 51.34 -7.60
C GLY B 574 30.11 49.98 -7.30
N PHE B 575 28.79 49.94 -7.19
CA PHE B 575 28.10 48.69 -6.87
C PHE B 575 28.68 48.10 -5.60
N ALA B 576 28.95 48.95 -4.62
CA ALA B 576 29.52 48.50 -3.36
C ALA B 576 28.43 47.99 -2.42
N VAL B 577 28.86 47.20 -1.45
CA VAL B 577 27.96 46.61 -0.46
C VAL B 577 28.50 46.89 0.93
N LEU B 578 29.68 47.48 0.98
CA LEU B 578 30.35 47.80 2.23
C LEU B 578 29.34 48.29 3.27
N LYS B 579 29.03 47.44 4.24
CA LYS B 579 28.08 47.78 5.30
C LYS B 579 28.80 48.13 6.62
N ALA B 580 28.26 47.70 7.76
CA ALA B 580 28.86 47.98 9.06
C ALA B 580 28.04 47.47 10.24
N SER B 581 28.73 47.16 11.34
CA SER B 581 28.07 46.65 12.56
C SER B 581 28.57 47.39 13.79
N SER B 582 27.64 48.01 14.51
CA SER B 582 27.98 48.76 15.70
C SER B 582 28.98 48.03 16.58
N ASP B 583 30.18 48.59 16.69
CA ASP B 583 31.23 48.00 17.52
C ASP B 583 31.00 48.44 18.95
#